data_9H2C
#
_entry.id   9H2C
#
_cell.length_a   1.00
_cell.length_b   1.00
_cell.length_c   1.00
_cell.angle_alpha   90.00
_cell.angle_beta   90.00
_cell.angle_gamma   90.00
#
_symmetry.space_group_name_H-M   'P 1'
#
loop_
_entity.id
_entity.type
_entity.pdbx_description
1 polymer 'Occlusion-derived virus envelope protein E27'
2 polymer 'Protein C42'
#
loop_
_entity_poly.entity_id
_entity_poly.type
_entity_poly.pdbx_seq_one_letter_code
_entity_poly.pdbx_strand_id
1 'polypeptide(L)'
;MKRIKCNKVRTVTEIVNSDEKIQKTYELAEFDLKNLSSLESYETLKIKLALSKYMAMLSTLEMTQPLLEIFRNKADTRQI
AAVVFSTLAFIHNRFHPLVTNFTNKMEFVVTETNDTSIPGEPILFTENEGVLLCSVDRPSIVKMLSREFDTEALVNFEND
NCNVRIAKTFGASKRKNTTRSDDYESNKQPNYDMDLSDFSITEVEATQYLTLLLTVEHAYLHYYIFKNYGVFEYCKSLTD
HSLFTNKLRSTMSTKTSNLLLSKFKFTIEDFDKINSNSVTSGFNIYNFNK
;
A,B
2 'polypeptide(L)'
;MSAIALYLEINKLRLKIDEPMQLAIWPQLFPLLCDEHQSVQLNTDVLINFMMHVARKSQNTILNNNAAIASQYAAGNADV
VAAPASAQPTPRPVINLFARANAAAPAQPSEELINMRRYRNAARKLIHHYSLNSTSSTEYKISDVVMTMIFLLRSEKYHS
LFKLLETTFDDYTCRPQMTQVQTDTLLDAVRSLLEMPSTTIDLTTVDIMRSSFARCFNSPIMRYAKIVLLQNVALQRDKR
TTLEELLIERGEKIQMLQPQQYINSGTEIPFCDDAEFLNRLLKHIDPYPLSRMYYNAANTMFYTTMENYAVSNCKFNIED
YNNIFKVMENIRKHSNKNSNDQDELNIYLGVQSSNAKRKKY
;
C,D
#
# COMPACT_ATOMS: atom_id res chain seq x y z
N ASN A 7 -1.30 -27.66 23.49
CA ASN A 7 -1.90 -28.86 22.89
C ASN A 7 -1.11 -29.30 21.67
N LYS A 8 -1.04 -30.62 21.46
CA LYS A 8 -0.30 -31.21 20.36
C LYS A 8 -1.22 -32.02 19.47
N VAL A 9 -0.91 -32.03 18.18
CA VAL A 9 -1.69 -32.75 17.17
C VAL A 9 -0.76 -33.74 16.48
N ARG A 10 -1.23 -34.98 16.36
CA ARG A 10 -0.41 -36.07 15.83
C ARG A 10 -0.94 -36.50 14.46
N THR A 11 -0.03 -36.79 13.55
CA THR A 11 -0.36 -37.21 12.19
C THR A 11 0.34 -38.52 11.87
N VAL A 12 -0.37 -39.40 11.17
CA VAL A 12 0.12 -40.73 10.85
C VAL A 12 0.01 -40.93 9.33
N THR A 13 1.08 -41.44 8.73
CA THR A 13 1.09 -41.79 7.32
C THR A 13 1.28 -43.29 7.16
N GLU A 14 0.43 -43.90 6.33
CA GLU A 14 0.48 -45.34 6.10
C GLU A 14 0.48 -45.60 4.60
N ILE A 15 1.42 -46.43 4.15
CA ILE A 15 1.58 -46.75 2.73
C ILE A 15 1.03 -48.15 2.51
N VAL A 16 0.53 -48.41 1.29
CA VAL A 16 0.06 -49.76 1.01
C VAL A 16 1.25 -50.55 0.47
N ASN A 17 2.15 -50.94 1.36
CA ASN A 17 3.06 -52.05 1.14
C ASN A 17 3.36 -52.81 2.42
N SER A 18 2.78 -52.40 3.56
CA SER A 18 3.14 -52.91 4.87
C SER A 18 2.23 -52.29 5.92
N ASP A 19 2.45 -52.63 7.19
CA ASP A 19 1.71 -52.04 8.29
C ASP A 19 2.48 -50.91 8.96
N GLU A 20 3.60 -50.49 8.38
CA GLU A 20 4.41 -49.45 8.99
C GLU A 20 3.68 -48.11 8.99
N LYS A 21 3.80 -47.39 10.10
CA LYS A 21 3.18 -46.07 10.25
C LYS A 21 4.22 -45.10 10.81
N ILE A 22 4.45 -44.01 10.08
CA ILE A 22 5.41 -42.99 10.50
C ILE A 22 4.63 -41.82 11.07
N GLN A 23 5.05 -41.33 12.23
CA GLN A 23 4.24 -40.45 13.06
C GLN A 23 4.99 -39.16 13.36
N LYS A 24 4.29 -38.03 13.28
CA LYS A 24 4.85 -36.73 13.60
C LYS A 24 3.91 -35.98 14.54
N THR A 25 4.50 -35.21 15.46
CA THR A 25 3.76 -34.43 16.44
C THR A 25 3.92 -32.95 16.14
N TYR A 26 2.80 -32.26 16.00
CA TYR A 26 2.78 -30.82 15.79
C TYR A 26 2.27 -30.13 17.05
N GLU A 27 2.95 -29.04 17.43
CA GLU A 27 2.57 -28.29 18.61
C GLU A 27 1.73 -27.10 18.14
N LEU A 28 0.49 -27.01 18.64
CA LEU A 28 -0.46 -26.03 18.11
C LEU A 28 -0.07 -24.58 18.45
N ALA A 29 0.83 -24.38 19.41
CA ALA A 29 1.16 -23.02 19.84
C ALA A 29 1.73 -22.20 18.69
N GLU A 30 2.49 -22.83 17.80
CA GLU A 30 3.04 -22.11 16.64
C GLU A 30 1.91 -21.58 15.76
N PHE A 31 0.93 -22.42 15.46
CA PHE A 31 -0.20 -22.00 14.63
C PHE A 31 -1.02 -20.92 15.33
N ASP A 32 -1.21 -21.06 16.66
CA ASP A 32 -1.91 -20.01 17.39
C ASP A 32 -1.17 -18.69 17.34
N LEU A 33 0.17 -18.73 17.44
CA LEU A 33 0.94 -17.50 17.36
C LEU A 33 0.81 -16.85 15.98
N LYS A 34 0.87 -17.66 14.92
CA LYS A 34 0.67 -17.11 13.58
C LYS A 34 -0.72 -16.49 13.44
N ASN A 35 -1.74 -17.18 13.94
CA ASN A 35 -3.11 -16.66 13.85
C ASN A 35 -3.24 -15.35 14.60
N LEU A 36 -2.65 -15.27 15.80
CA LEU A 36 -2.71 -14.04 16.57
C LEU A 36 -1.98 -12.91 15.85
N SER A 37 -0.82 -13.20 15.25
CA SER A 37 -0.10 -12.21 14.48
C SER A 37 -0.82 -11.82 13.20
N SER A 38 -1.78 -12.62 12.74
CA SER A 38 -2.56 -12.29 11.56
C SER A 38 -3.79 -11.44 11.86
N LEU A 39 -4.13 -11.23 13.14
CA LEU A 39 -5.31 -10.45 13.49
C LEU A 39 -5.01 -8.97 13.39
N GLU A 40 -5.90 -8.24 12.72
CA GLU A 40 -5.73 -6.80 12.59
C GLU A 40 -5.84 -6.11 13.94
N SER A 41 -6.78 -6.56 14.79
CA SER A 41 -6.94 -5.96 16.11
C SER A 41 -5.68 -6.15 16.96
N TYR A 42 -4.96 -7.24 16.76
CA TYR A 42 -3.76 -7.47 17.57
C TYR A 42 -2.67 -6.45 17.25
N GLU A 43 -2.37 -6.25 15.96
CA GLU A 43 -1.37 -5.25 15.59
C GLU A 43 -1.84 -3.83 15.92
N THR A 44 -3.13 -3.55 15.73
CA THR A 44 -3.65 -2.26 16.13
C THR A 44 -3.47 -2.04 17.63
N LEU A 45 -3.73 -3.08 18.43
CA LEU A 45 -3.54 -2.99 19.87
C LEU A 45 -2.08 -2.77 20.21
N LYS A 46 -1.17 -3.43 19.50
CA LYS A 46 0.26 -3.25 19.76
C LYS A 46 0.68 -1.80 19.51
N ILE A 47 0.29 -1.25 18.38
CA ILE A 47 0.68 0.11 18.05
C ILE A 47 0.04 1.10 19.02
N LYS A 48 -1.26 0.92 19.30
CA LYS A 48 -1.94 1.82 20.22
C LYS A 48 -1.39 1.71 21.64
N LEU A 49 -0.92 0.52 22.02
CA LEU A 49 -0.33 0.36 23.34
C LEU A 49 1.02 1.03 23.42
N ALA A 50 1.81 0.99 22.33
CA ALA A 50 3.04 1.75 22.30
C ALA A 50 2.76 3.24 22.43
N LEU A 51 1.76 3.74 21.70
CA LEU A 51 1.43 5.16 21.79
C LEU A 51 0.91 5.53 23.18
N SER A 52 0.12 4.64 23.79
CA SER A 52 -0.38 4.87 25.14
C SER A 52 0.75 4.90 26.16
N LYS A 53 1.73 4.00 26.01
CA LYS A 53 2.89 4.03 26.89
C LYS A 53 3.66 5.33 26.72
N TYR A 54 3.78 5.81 25.49
CA TYR A 54 4.44 7.09 25.26
C TYR A 54 3.70 8.22 25.95
N MET A 55 2.37 8.25 25.83
CA MET A 55 1.58 9.30 26.48
C MET A 55 1.69 9.21 28.00
N ALA A 56 1.67 7.99 28.55
CA ALA A 56 1.82 7.84 29.99
C ALA A 56 3.19 8.31 30.46
N MET A 57 4.23 7.99 29.68
CA MET A 57 5.58 8.44 30.02
C MET A 57 5.65 9.97 30.02
N LEU A 58 5.01 10.61 29.05
CA LEU A 58 4.96 12.07 29.06
C LEU A 58 4.17 12.58 30.27
N SER A 59 3.07 11.90 30.61
CA SER A 59 2.23 12.36 31.71
C SER A 59 2.96 12.31 33.04
N THR A 60 3.69 11.23 33.30
CA THR A 60 4.40 11.14 34.58
C THR A 60 5.54 12.15 34.66
N LEU A 61 5.96 12.70 33.53
CA LEU A 61 6.92 13.80 33.48
C LEU A 61 6.26 15.15 33.41
N GLU A 62 5.00 15.26 33.83
CA GLU A 62 4.25 16.52 33.91
C GLU A 62 3.88 17.00 32.51
N MET A 63 4.42 16.34 31.49
CA MET A 63 4.19 16.77 30.11
C MET A 63 2.76 16.43 29.67
N THR A 64 1.78 17.06 30.31
CA THR A 64 0.38 16.85 29.97
C THR A 64 -0.12 17.87 28.94
N GLN A 65 0.51 19.04 28.88
CA GLN A 65 0.15 20.05 27.91
C GLN A 65 0.27 19.49 26.49
N PRO A 66 -0.61 19.90 25.58
CA PRO A 66 -0.53 19.41 24.20
C PRO A 66 0.83 19.73 23.58
N LEU A 67 1.33 18.79 22.77
CA LEU A 67 2.67 18.93 22.20
C LEU A 67 2.80 20.21 21.39
N LEU A 68 1.75 20.59 20.68
CA LEU A 68 1.79 21.83 19.92
C LEU A 68 1.98 23.02 20.84
N GLU A 69 1.30 23.03 21.98
CA GLU A 69 1.48 24.13 22.94
C GLU A 69 2.88 24.12 23.54
N ILE A 70 3.44 22.92 23.77
CA ILE A 70 4.79 22.84 24.30
C ILE A 70 5.78 23.43 23.31
N PHE A 71 5.64 23.10 22.03
CA PHE A 71 6.55 23.60 21.01
C PHE A 71 6.28 25.04 20.61
N ARG A 72 5.10 25.58 20.93
CA ARG A 72 4.80 26.97 20.63
C ARG A 72 5.40 27.94 21.64
N ASN A 73 5.91 27.45 22.77
CA ASN A 73 6.42 28.34 23.82
C ASN A 73 7.89 28.56 23.50
N LYS A 74 8.19 29.74 22.99
CA LYS A 74 9.57 30.08 22.66
C LYS A 74 10.44 30.23 23.90
N ALA A 75 9.89 30.84 24.95
CA ALA A 75 10.69 31.19 26.11
C ALA A 75 11.18 29.95 26.86
N ASP A 76 10.31 28.97 27.09
CA ASP A 76 10.63 27.83 27.94
C ASP A 76 11.24 26.74 27.06
N THR A 77 12.57 26.66 27.10
CA THR A 77 13.30 25.66 26.34
C THR A 77 13.44 24.34 27.09
N ARG A 78 13.37 24.37 28.42
CA ARG A 78 13.57 23.17 29.23
C ARG A 78 12.54 22.11 28.88
N GLN A 79 11.28 22.54 28.69
CA GLN A 79 10.23 21.58 28.34
C GLN A 79 10.48 20.92 27.00
N ILE A 80 10.91 21.69 26.00
CA ILE A 80 11.20 21.12 24.68
C ILE A 80 12.35 20.12 24.78
N ALA A 81 13.41 20.50 25.48
CA ALA A 81 14.55 19.60 25.64
C ALA A 81 14.14 18.32 26.36
N ALA A 82 13.34 18.44 27.41
CA ALA A 82 12.89 17.28 28.16
C ALA A 82 12.01 16.39 27.30
N VAL A 83 11.13 16.98 26.49
CA VAL A 83 10.24 16.18 25.65
C VAL A 83 11.04 15.40 24.62
N VAL A 84 11.98 16.06 23.96
CA VAL A 84 12.77 15.39 22.93
C VAL A 84 13.64 14.29 23.55
N PHE A 85 14.26 14.60 24.70
CA PHE A 85 15.09 13.61 25.38
C PHE A 85 14.26 12.40 25.82
N SER A 86 13.06 12.65 26.36
CA SER A 86 12.21 11.55 26.79
C SER A 86 11.77 10.70 25.61
N THR A 87 11.44 11.33 24.48
CA THR A 87 11.05 10.55 23.30
C THR A 87 12.22 9.70 22.81
N LEU A 88 13.42 10.28 22.78
CA LEU A 88 14.60 9.51 22.37
C LEU A 88 14.83 8.33 23.31
N ALA A 89 14.69 8.56 24.62
CA ALA A 89 14.88 7.49 25.59
C ALA A 89 13.83 6.40 25.43
N PHE A 90 12.58 6.79 25.17
CA PHE A 90 11.51 5.83 24.97
C PHE A 90 11.79 4.96 23.75
N ILE A 91 12.23 5.58 22.66
CA ILE A 91 12.55 4.81 21.47
C ILE A 91 13.74 3.90 21.71
N HIS A 92 14.75 4.39 22.43
CA HIS A 92 15.92 3.58 22.75
C HIS A 92 15.53 2.36 23.58
N ASN A 93 14.64 2.55 24.56
CA ASN A 93 14.17 1.42 25.35
C ASN A 93 13.36 0.45 24.50
N ARG A 94 12.58 0.97 23.55
CA ARG A 94 11.86 0.08 22.65
C ARG A 94 12.83 -0.78 21.84
N PHE A 95 13.91 -0.18 21.35
CA PHE A 95 14.92 -0.96 20.64
C PHE A 95 15.66 -1.92 21.59
N HIS A 96 16.09 -1.43 22.75
CA HIS A 96 16.86 -2.22 23.72
C HIS A 96 16.10 -2.23 25.03
N PRO A 97 15.29 -3.26 25.28
CA PRO A 97 14.48 -3.30 26.51
C PRO A 97 15.28 -3.71 27.73
N LEU A 98 16.47 -3.13 27.90
CA LEU A 98 17.29 -3.35 29.07
C LEU A 98 17.87 -2.09 29.68
N VAL A 99 17.93 -0.98 28.94
CA VAL A 99 18.52 0.27 29.41
C VAL A 99 17.38 1.27 29.55
N THR A 100 17.10 1.67 30.79
CA THR A 100 16.02 2.61 31.06
C THR A 100 16.46 4.07 30.96
N ASN A 101 17.74 4.35 31.14
CA ASN A 101 18.26 5.71 31.07
C ASN A 101 19.04 5.86 29.76
N PHE A 102 18.73 6.91 29.01
CA PHE A 102 19.41 7.19 27.75
C PHE A 102 20.83 7.66 28.04
N THR A 103 21.57 8.06 27.01
CA THR A 103 22.92 8.61 27.18
C THR A 103 22.96 9.59 28.33
N ASN A 104 23.81 9.32 29.31
CA ASN A 104 23.74 9.99 30.60
C ASN A 104 24.02 11.49 30.51
N LYS A 105 24.62 11.96 29.43
CA LYS A 105 24.96 13.37 29.30
C LYS A 105 24.86 13.77 27.84
N MET A 106 24.05 14.78 27.56
CA MET A 106 23.91 15.33 26.21
C MET A 106 23.29 16.71 26.32
N GLU A 107 23.58 17.55 25.33
CA GLU A 107 23.16 18.94 25.34
C GLU A 107 22.16 19.21 24.21
N PHE A 108 21.35 20.24 24.39
CA PHE A 108 20.29 20.59 23.44
C PHE A 108 20.44 22.03 22.98
N VAL A 109 20.24 22.24 21.68
CA VAL A 109 20.20 23.57 21.10
C VAL A 109 18.94 23.67 20.25
N VAL A 110 18.16 24.72 20.46
CA VAL A 110 16.88 24.90 19.78
C VAL A 110 17.10 25.90 18.65
N THR A 111 16.59 25.55 17.47
CA THR A 111 16.73 26.40 16.30
C THR A 111 15.40 27.12 16.02
N GLU A 112 15.49 28.44 15.86
CA GLU A 112 14.31 29.22 15.50
C GLU A 112 14.43 29.90 14.14
N THR A 113 15.46 29.60 13.36
CA THR A 113 15.69 30.31 12.11
C THR A 113 15.82 29.35 10.94
N ASN A 114 15.29 29.76 9.79
CA ASN A 114 15.52 29.03 8.55
C ASN A 114 16.99 29.07 8.17
N ASP A 115 17.67 30.18 8.47
CA ASP A 115 19.05 30.36 8.06
C ASP A 115 19.95 29.24 8.55
N THR A 116 19.61 28.63 9.68
CA THR A 116 20.38 27.51 10.23
C THR A 116 19.49 26.28 10.41
N SER A 117 18.67 25.97 9.42
CA SER A 117 17.75 24.85 9.49
C SER A 117 18.06 23.83 8.40
N ILE A 118 17.84 22.55 8.73
CA ILE A 118 18.14 21.44 7.84
C ILE A 118 16.83 21.02 7.16
N PRO A 119 16.77 21.04 5.83
CA PRO A 119 15.51 20.72 5.15
C PRO A 119 15.20 19.23 5.13
N GLY A 120 14.55 18.73 6.17
CA GLY A 120 14.10 17.35 6.21
C GLY A 120 14.57 16.55 7.39
N GLU A 121 15.48 17.06 8.22
CA GLU A 121 15.96 16.38 9.42
C GLU A 121 15.84 17.35 10.58
N PRO A 122 14.63 17.53 11.11
CA PRO A 122 14.43 18.53 12.17
C PRO A 122 15.25 18.29 13.42
N ILE A 123 15.49 17.03 13.78
CA ILE A 123 16.31 16.68 14.93
C ILE A 123 17.62 16.09 14.42
N LEU A 124 18.72 16.77 14.71
CA LEU A 124 20.04 16.34 14.25
C LEU A 124 20.99 16.26 15.44
N PHE A 125 22.04 15.46 15.26
CA PHE A 125 23.01 15.17 16.31
C PHE A 125 24.41 15.52 15.83
N THR A 126 25.24 16.01 16.74
CA THR A 126 26.61 16.35 16.40
C THR A 126 27.49 16.22 17.63
N GLU A 127 28.79 16.06 17.38
CA GLU A 127 29.81 15.99 18.43
C GLU A 127 30.60 17.29 18.47
N ASN A 128 30.61 17.95 19.62
CA ASN A 128 31.44 19.13 19.82
C ASN A 128 32.78 18.79 20.45
N GLU A 129 33.27 17.56 20.22
CA GLU A 129 34.55 17.07 20.68
C GLU A 129 34.55 16.81 22.19
N GLY A 130 33.47 17.20 22.86
CA GLY A 130 33.38 16.97 24.29
C GLY A 130 32.12 16.25 24.75
N VAL A 131 31.03 16.39 24.01
CA VAL A 131 29.74 15.89 24.46
C VAL A 131 28.79 15.86 23.28
N LEU A 132 27.83 14.94 23.31
CA LEU A 132 26.77 14.88 22.31
C LEU A 132 25.94 16.16 22.34
N LEU A 133 25.57 16.65 21.16
CA LEU A 133 24.72 17.83 21.02
C LEU A 133 23.58 17.50 20.07
N CYS A 134 22.36 17.87 20.47
CA CYS A 134 21.16 17.59 19.69
C CYS A 134 20.53 18.91 19.25
N SER A 135 20.23 19.01 17.96
CA SER A 135 19.60 20.20 17.39
C SER A 135 18.11 19.96 17.21
N VAL A 136 17.31 20.95 17.63
CA VAL A 136 15.86 20.87 17.53
C VAL A 136 15.37 22.07 16.73
N ASP A 137 14.78 21.81 15.56
CA ASP A 137 14.21 22.86 14.71
C ASP A 137 12.80 23.12 15.20
N ARG A 138 12.66 24.12 16.06
CA ARG A 138 11.36 24.39 16.67
C ARG A 138 10.30 24.82 15.66
N PRO A 139 10.55 25.77 14.75
CA PRO A 139 9.50 26.12 13.79
C PRO A 139 9.08 24.96 12.89
N SER A 140 10.00 24.07 12.54
CA SER A 140 9.62 22.92 11.72
C SER A 140 8.64 22.02 12.46
N ILE A 141 8.92 21.74 13.74
CA ILE A 141 8.03 20.88 14.53
C ILE A 141 6.70 21.59 14.76
N VAL A 142 6.74 22.92 14.96
CA VAL A 142 5.50 23.67 15.13
C VAL A 142 4.66 23.61 13.87
N LYS A 143 5.28 23.76 12.70
CA LYS A 143 4.56 23.68 11.44
C LYS A 143 4.00 22.28 11.23
N MET A 144 4.74 21.25 11.65
CA MET A 144 4.25 19.90 11.56
C MET A 144 2.99 19.70 12.42
N LEU A 145 3.08 20.07 13.70
CA LEU A 145 1.99 19.77 14.61
C LEU A 145 0.78 20.67 14.40
N SER A 146 0.99 21.89 13.91
CA SER A 146 -0.10 22.84 13.74
C SER A 146 -0.86 22.66 12.44
N ARG A 147 -0.36 21.84 11.51
CA ARG A 147 -1.04 21.62 10.24
C ARG A 147 -2.38 20.92 10.49
N GLU A 148 -3.41 21.39 9.79
CA GLU A 148 -4.74 20.79 9.94
C GLU A 148 -4.72 19.36 9.42
N PHE A 149 -5.39 18.47 10.14
CA PHE A 149 -5.41 17.06 9.81
C PHE A 149 -6.73 16.66 9.19
N ASP A 150 -6.68 15.61 8.36
CA ASP A 150 -7.88 15.08 7.71
C ASP A 150 -8.53 14.12 8.71
N THR A 151 -9.55 14.63 9.41
CA THR A 151 -10.16 13.91 10.53
C THR A 151 -11.61 13.54 10.26
N GLU A 152 -12.03 13.51 8.99
CA GLU A 152 -13.39 13.06 8.67
C GLU A 152 -13.39 12.05 7.54
N ALA A 153 -12.32 12.00 6.76
CA ALA A 153 -12.22 11.03 5.68
C ALA A 153 -11.97 9.63 6.22
N LEU A 154 -12.39 8.64 5.45
CA LEU A 154 -12.22 7.24 5.81
C LEU A 154 -11.18 6.59 4.89
N VAL A 155 -10.27 5.83 5.49
CA VAL A 155 -9.22 5.14 4.76
C VAL A 155 -9.55 3.65 4.72
N ASN A 156 -9.58 3.09 3.51
CA ASN A 156 -9.90 1.69 3.34
C ASN A 156 -8.65 0.81 3.42
N ASN A 161 -16.13 -3.57 9.44
CA ASN A 161 -17.04 -4.50 8.78
C ASN A 161 -18.48 -3.99 8.91
N CYS A 162 -19.14 -3.81 7.77
CA CYS A 162 -20.52 -3.33 7.80
C CYS A 162 -21.48 -4.41 8.27
N ASN A 163 -21.18 -5.68 8.02
CA ASN A 163 -22.09 -6.76 8.38
C ASN A 163 -22.20 -6.91 9.89
N VAL A 164 -21.07 -6.83 10.60
CA VAL A 164 -21.11 -6.95 12.05
C VAL A 164 -21.82 -5.74 12.67
N ARG A 165 -21.63 -4.55 12.08
CA ARG A 165 -22.36 -3.37 12.54
C ARG A 165 -23.85 -3.55 12.33
N ILE A 166 -24.24 -4.11 11.20
CA ILE A 166 -25.67 -4.35 10.92
C ILE A 166 -26.23 -5.33 11.94
N ALA A 167 -25.49 -6.40 12.21
CA ALA A 167 -25.95 -7.39 13.18
C ALA A 167 -26.09 -6.79 14.57
N LYS A 168 -25.13 -5.95 14.97
CA LYS A 168 -25.22 -5.28 16.26
C LYS A 168 -26.43 -4.35 16.31
N THR A 169 -26.70 -3.64 15.21
CA THR A 169 -27.86 -2.76 15.15
C THR A 169 -29.15 -3.56 15.30
N PHE A 170 -29.25 -4.70 14.61
CA PHE A 170 -30.39 -5.59 14.76
C PHE A 170 -30.40 -6.34 16.08
N GLY A 171 -29.29 -6.31 16.83
CA GLY A 171 -29.22 -6.99 18.11
C GLY A 171 -29.21 -6.05 19.29
N ASP A 198 -9.81 10.96 33.52
CA ASP A 198 -10.34 10.98 32.16
C ASP A 198 -9.77 12.13 31.34
N PHE A 199 -8.47 12.06 31.05
CA PHE A 199 -7.81 13.08 30.26
C PHE A 199 -8.41 13.14 28.86
N SER A 200 -8.83 14.33 28.44
CA SER A 200 -9.50 14.51 27.16
C SER A 200 -8.45 14.57 26.05
N ILE A 201 -8.21 13.44 25.41
CA ILE A 201 -7.28 13.35 24.29
C ILE A 201 -8.10 13.22 23.00
N THR A 202 -8.11 14.28 22.20
CA THR A 202 -8.79 14.26 20.93
C THR A 202 -7.95 13.50 19.89
N GLU A 203 -8.53 13.33 18.70
CA GLU A 203 -7.80 12.68 17.62
C GLU A 203 -6.62 13.53 17.16
N VAL A 204 -6.78 14.85 17.19
CA VAL A 204 -5.70 15.74 16.78
C VAL A 204 -4.50 15.57 17.71
N GLU A 205 -4.75 15.50 19.01
CA GLU A 205 -3.66 15.33 19.98
C GLU A 205 -2.94 14.00 19.76
N ALA A 206 -3.70 12.92 19.55
CA ALA A 206 -3.07 11.62 19.32
C ALA A 206 -2.25 11.62 18.03
N THR A 207 -2.77 12.25 16.98
CA THR A 207 -2.01 12.35 15.74
C THR A 207 -0.73 13.16 15.95
N GLN A 208 -0.79 14.21 16.76
CA GLN A 208 0.41 14.99 17.07
C GLN A 208 1.42 14.13 17.81
N TYR A 209 0.96 13.34 18.78
CA TYR A 209 1.87 12.45 19.51
C TYR A 209 2.54 11.47 18.56
N LEU A 210 1.75 10.87 17.66
CA LEU A 210 2.31 9.92 16.71
C LEU A 210 3.29 10.60 15.76
N THR A 211 2.99 11.82 15.34
CA THR A 211 3.90 12.56 14.46
C THR A 211 5.24 12.79 15.13
N LEU A 212 5.22 13.28 16.38
CA LEU A 212 6.48 13.52 17.07
C LEU A 212 7.22 12.21 17.30
N LEU A 213 6.48 11.14 17.62
CA LEU A 213 7.13 9.86 17.86
C LEU A 213 7.83 9.35 16.61
N LEU A 214 7.18 9.47 15.44
CA LEU A 214 7.81 9.04 14.20
C LEU A 214 9.01 9.91 13.85
N THR A 215 8.90 11.22 14.06
CA THR A 215 10.03 12.11 13.77
C THR A 215 11.24 11.75 14.63
N VAL A 216 11.01 11.55 15.93
CA VAL A 216 12.11 11.18 16.81
C VAL A 216 12.60 9.78 16.50
N GLU A 217 11.74 8.92 15.95
CA GLU A 217 12.20 7.60 15.52
C GLU A 217 13.19 7.72 14.37
N HIS A 218 12.88 8.58 13.39
CA HIS A 218 13.82 8.83 12.30
C HIS A 218 15.13 9.40 12.82
N ALA A 219 15.03 10.39 13.72
CA ALA A 219 16.22 10.96 14.33
C ALA A 219 17.03 9.91 15.09
N TYR A 220 16.35 8.98 15.76
CA TYR A 220 17.05 7.97 16.54
C TYR A 220 17.72 6.95 15.63
N LEU A 221 17.13 6.65 14.47
CA LEU A 221 17.83 5.79 13.53
C LEU A 221 19.12 6.44 13.05
N HIS A 222 19.05 7.73 12.71
CA HIS A 222 20.27 8.45 12.35
C HIS A 222 21.28 8.43 13.49
N TYR A 223 20.80 8.66 14.72
CA TYR A 223 21.69 8.68 15.88
C TYR A 223 22.30 7.31 16.16
N TYR A 224 21.55 6.24 15.91
CA TYR A 224 22.07 4.90 16.12
C TYR A 224 23.19 4.61 15.15
N ILE A 225 22.98 4.93 13.87
CA ILE A 225 24.10 4.79 12.92
C ILE A 225 25.28 5.64 13.36
N PHE A 226 25.02 6.87 13.81
CA PHE A 226 26.09 7.71 14.33
C PHE A 226 26.89 6.99 15.40
N LYS A 227 26.22 6.65 16.51
CA LYS A 227 26.91 6.12 17.68
C LYS A 227 27.62 4.82 17.37
N ASN A 228 27.07 4.00 16.48
CA ASN A 228 27.65 2.68 16.27
C ASN A 228 28.60 2.60 15.09
N TYR A 229 28.66 3.60 14.20
CA TYR A 229 29.50 3.48 13.02
C TYR A 229 30.23 4.77 12.67
N GLY A 230 30.25 5.77 13.54
CA GLY A 230 31.09 6.92 13.33
C GLY A 230 30.38 8.10 12.66
N VAL A 231 31.01 9.26 12.83
CA VAL A 231 30.48 10.50 12.27
C VAL A 231 30.46 10.41 10.75
N PHE A 232 31.49 9.79 10.16
CA PHE A 232 31.53 9.69 8.70
C PHE A 232 30.32 8.94 8.16
N GLU A 233 29.98 7.80 8.78
CA GLU A 233 28.82 7.05 8.34
C GLU A 233 27.53 7.81 8.64
N TYR A 234 27.49 8.56 9.74
CA TYR A 234 26.30 9.37 10.03
C TYR A 234 26.05 10.41 8.95
N CYS A 235 27.09 11.14 8.54
CA CYS A 235 26.91 12.16 7.50
C CYS A 235 26.72 11.53 6.13
N LYS A 236 27.20 10.30 5.94
CA LYS A 236 26.88 9.59 4.71
C LYS A 236 25.39 9.21 4.69
N SER A 237 24.85 8.82 5.84
CA SER A 237 23.45 8.44 5.92
C SER A 237 22.52 9.63 5.79
N LEU A 238 22.96 10.80 6.27
CA LEU A 238 22.11 11.98 6.16
C LEU A 238 21.76 12.31 4.71
N THR A 239 22.66 12.03 3.78
CA THR A 239 22.40 12.30 2.36
C THR A 239 21.91 11.08 1.60
N ASP A 240 21.94 9.89 2.21
CA ASP A 240 21.48 8.66 1.57
C ASP A 240 20.91 7.76 2.66
N HIS A 241 19.58 7.72 2.76
CA HIS A 241 18.94 6.91 3.79
C HIS A 241 18.99 5.43 3.48
N SER A 242 19.43 5.06 2.28
CA SER A 242 19.41 3.65 1.88
C SER A 242 20.40 2.80 2.66
N LEU A 243 21.32 3.41 3.42
CA LEU A 243 22.25 2.63 4.22
C LEU A 243 21.60 2.08 5.49
N PHE A 244 20.40 2.57 5.82
CA PHE A 244 19.69 2.08 7.00
C PHE A 244 19.44 0.58 6.92
N THR A 245 19.09 0.06 5.74
CA THR A 245 18.76 -1.35 5.62
C THR A 245 19.95 -2.23 5.94
N ASN A 246 21.16 -1.79 5.57
CA ASN A 246 22.34 -2.57 5.86
C ASN A 246 22.83 -2.36 7.30
N LYS A 247 22.69 -1.16 7.84
CA LYS A 247 23.23 -0.91 9.18
C LYS A 247 22.21 -1.16 10.29
N LEU A 248 21.00 -1.59 9.96
CA LEU A 248 20.01 -1.96 10.97
C LEU A 248 19.71 -3.46 10.97
N ARG A 249 19.50 -4.05 9.78
CA ARG A 249 19.12 -5.45 9.69
C ARG A 249 20.19 -6.39 10.22
N SER A 250 21.44 -5.94 10.30
CA SER A 250 22.49 -6.80 10.83
C SER A 250 22.29 -7.08 12.32
N THR A 251 21.76 -6.12 13.06
CA THR A 251 21.55 -6.30 14.50
C THR A 251 20.10 -6.12 14.94
N MET A 252 19.39 -5.14 14.36
CA MET A 252 18.09 -4.77 14.92
C MET A 252 16.99 -5.71 14.44
N SER A 253 17.10 -6.23 13.21
CA SER A 253 16.04 -7.03 12.63
C SER A 253 15.82 -8.36 13.36
N THR A 254 16.78 -8.81 14.15
CA THR A 254 16.66 -10.08 14.86
C THR A 254 16.68 -9.96 16.37
N LYS A 255 16.81 -8.75 16.91
CA LYS A 255 16.92 -8.56 18.35
C LYS A 255 15.85 -7.65 18.95
N THR A 256 15.43 -6.61 18.23
CA THR A 256 14.48 -5.63 18.74
C THR A 256 13.08 -5.92 18.22
N SER A 257 12.15 -5.02 18.54
CA SER A 257 10.77 -5.13 18.09
C SER A 257 10.62 -4.50 16.70
N ASN A 258 9.38 -4.34 16.27
CA ASN A 258 9.09 -3.73 14.98
C ASN A 258 9.07 -2.22 15.09
N LEU A 259 9.50 -1.56 14.02
CA LEU A 259 9.56 -0.11 13.99
C LEU A 259 8.19 0.48 13.69
N LEU A 260 7.95 1.68 14.23
CA LEU A 260 6.63 2.29 14.14
C LEU A 260 6.25 2.62 12.70
N LEU A 261 7.21 3.11 11.91
CA LEU A 261 6.95 3.44 10.52
C LEU A 261 6.74 2.21 9.65
N SER A 262 7.01 1.01 10.17
CA SER A 262 6.79 -0.22 9.43
C SER A 262 5.37 -0.76 9.57
N LYS A 263 4.51 -0.07 10.31
CA LYS A 263 3.14 -0.55 10.49
C LYS A 263 2.35 -0.49 9.19
N PHE A 264 2.69 0.46 8.31
CA PHE A 264 2.02 0.63 7.03
C PHE A 264 3.04 0.84 5.94
N LYS A 265 2.67 0.43 4.72
CA LYS A 265 3.53 0.66 3.56
C LYS A 265 3.20 2.00 2.94
N PHE A 266 4.13 2.94 3.04
CA PHE A 266 3.92 4.30 2.56
C PHE A 266 4.52 4.45 1.17
N THR A 267 3.76 5.10 0.28
CA THR A 267 4.23 5.38 -1.06
C THR A 267 3.77 6.78 -1.45
N ILE A 268 4.52 7.39 -2.36
CA ILE A 268 4.19 8.73 -2.86
C ILE A 268 3.26 8.59 -4.05
N GLU A 269 2.18 9.37 -4.06
CA GLU A 269 1.22 9.31 -5.14
C GLU A 269 1.88 9.69 -6.47
N ASP A 270 1.67 8.85 -7.49
CA ASP A 270 2.24 9.05 -8.82
C ASP A 270 3.76 9.24 -8.73
N PHE A 271 4.40 8.35 -7.98
CA PHE A 271 5.84 8.46 -7.78
C PHE A 271 6.61 8.28 -9.08
N ASP A 272 6.19 7.35 -9.93
CA ASP A 272 6.91 7.08 -11.17
C ASP A 272 6.89 8.29 -12.09
N LYS A 273 5.75 8.97 -12.20
CA LYS A 273 5.66 10.12 -13.09
C LYS A 273 6.58 11.24 -12.63
N ILE A 274 6.62 11.51 -11.33
CA ILE A 274 7.47 12.58 -10.83
C ILE A 274 8.94 12.19 -10.93
N ASN A 275 9.24 10.91 -10.72
CA ASN A 275 10.61 10.42 -10.83
C ASN A 275 11.10 10.29 -12.26
N SER A 276 10.19 10.36 -13.25
CA SER A 276 10.58 10.25 -14.65
C SER A 276 11.67 11.25 -15.04
N ASN A 277 11.84 12.33 -14.29
CA ASN A 277 12.91 13.27 -14.58
C ASN A 277 14.29 12.65 -14.39
N SER A 278 14.41 11.69 -13.46
CA SER A 278 15.67 11.02 -13.16
C SER A 278 15.49 9.53 -13.42
N VAL A 279 15.75 9.12 -14.66
CA VAL A 279 15.61 7.72 -15.08
C VAL A 279 16.94 7.27 -15.65
N THR A 280 17.35 6.06 -15.28
CA THR A 280 18.63 5.48 -15.68
C THR A 280 18.40 4.24 -16.51
N SER A 281 19.16 4.10 -17.60
CA SER A 281 19.27 2.83 -18.32
C SER A 281 20.15 1.92 -17.49
N GLY A 282 19.59 1.46 -16.37
CA GLY A 282 20.35 0.89 -15.28
C GLY A 282 20.69 -0.58 -15.47
N PHE A 283 21.61 -1.03 -14.63
CA PHE A 283 22.06 -2.43 -14.56
C PHE A 283 22.43 -2.63 -13.09
N ASN A 284 21.46 -3.10 -12.30
CA ASN A 284 21.63 -3.13 -10.85
C ASN A 284 22.10 -4.52 -10.44
N ILE A 285 23.36 -4.61 -10.02
CA ILE A 285 23.94 -5.85 -9.55
C ILE A 285 24.10 -5.89 -8.05
N TYR A 286 23.85 -4.79 -7.35
CA TYR A 286 23.89 -4.72 -5.89
C TYR A 286 22.62 -4.04 -5.38
N ASN A 287 21.48 -4.50 -5.86
CA ASN A 287 20.19 -3.95 -5.47
C ASN A 287 19.87 -4.34 -4.03
N PHE A 288 20.60 -3.75 -3.07
CA PHE A 288 20.45 -4.16 -1.68
C PHE A 288 19.18 -3.60 -1.06
N ASN A 289 18.47 -2.73 -1.76
CA ASN A 289 17.20 -2.17 -1.30
C ASN A 289 16.19 -2.30 -2.43
N LYS A 290 15.31 -3.29 -2.35
CA LYS A 290 14.29 -3.48 -3.37
C LYS A 290 13.38 -2.26 -3.48
N SER B 38 6.83 -60.96 -2.91
CA SER B 38 7.41 -59.97 -3.80
C SER B 38 6.35 -58.99 -4.28
N LEU B 39 5.14 -59.09 -3.72
CA LEU B 39 4.06 -58.20 -4.13
C LEU B 39 4.34 -56.77 -3.68
N GLU B 40 4.91 -56.59 -2.49
CA GLU B 40 5.24 -55.25 -2.03
C GLU B 40 6.32 -54.62 -2.91
N SER B 41 7.28 -55.44 -3.38
CA SER B 41 8.27 -54.94 -4.31
C SER B 41 7.61 -54.53 -5.62
N TYR B 42 6.62 -55.30 -6.08
CA TYR B 42 5.91 -54.97 -7.30
C TYR B 42 5.16 -53.65 -7.16
N GLU B 43 4.54 -53.42 -6.00
CA GLU B 43 3.82 -52.17 -5.78
C GLU B 43 4.78 -50.98 -5.69
N THR B 44 5.92 -51.17 -5.02
CA THR B 44 6.92 -50.10 -4.98
C THR B 44 7.43 -49.79 -6.38
N LEU B 45 7.63 -50.84 -7.20
CA LEU B 45 8.02 -50.62 -8.59
C LEU B 45 6.96 -49.82 -9.34
N LYS B 46 5.68 -50.18 -9.15
CA LYS B 46 4.57 -49.38 -9.68
C LYS B 46 4.76 -47.90 -9.35
N ILE B 47 4.83 -47.59 -8.05
CA ILE B 47 4.81 -46.19 -7.62
C ILE B 47 6.05 -45.46 -8.14
N LYS B 48 7.22 -46.09 -8.03
CA LYS B 48 8.46 -45.42 -8.41
C LYS B 48 8.56 -45.24 -9.91
N LEU B 49 8.05 -46.20 -10.69
CA LEU B 49 8.01 -46.04 -12.13
C LEU B 49 7.07 -44.91 -12.53
N ALA B 50 5.93 -44.78 -11.84
CA ALA B 50 5.04 -43.65 -12.11
C ALA B 50 5.73 -42.34 -11.81
N LEU B 51 6.44 -42.26 -10.68
CA LEU B 51 7.16 -41.05 -10.33
C LEU B 51 8.25 -40.74 -11.35
N SER B 52 8.95 -41.77 -11.83
CA SER B 52 9.99 -41.57 -12.83
C SER B 52 9.41 -41.10 -14.15
N LYS B 53 8.24 -41.62 -14.53
CA LYS B 53 7.60 -41.15 -15.75
C LYS B 53 7.19 -39.70 -15.63
N TYR B 54 6.69 -39.29 -14.45
CA TYR B 54 6.40 -37.88 -14.23
C TYR B 54 7.67 -37.04 -14.31
N MET B 55 8.76 -37.56 -13.76
CA MET B 55 10.06 -36.89 -13.85
C MET B 55 10.46 -36.69 -15.30
N ALA B 56 10.32 -37.73 -16.12
CA ALA B 56 10.73 -37.66 -17.51
C ALA B 56 9.83 -36.73 -18.32
N MET B 57 8.54 -36.68 -17.98
CA MET B 57 7.66 -35.71 -18.63
C MET B 57 8.10 -34.29 -18.30
N LEU B 58 8.42 -34.03 -17.03
CA LEU B 58 8.90 -32.71 -16.66
C LEU B 58 10.20 -32.39 -17.37
N SER B 59 11.05 -33.39 -17.57
CA SER B 59 12.29 -33.17 -18.32
C SER B 59 12.00 -32.77 -19.76
N THR B 60 11.10 -33.52 -20.42
CA THR B 60 10.75 -33.22 -21.81
C THR B 60 10.07 -31.88 -21.97
N LEU B 61 9.40 -31.39 -20.92
CA LEU B 61 8.71 -30.11 -21.01
C LEU B 61 9.62 -28.90 -21.17
N GLU B 62 10.94 -29.09 -21.24
CA GLU B 62 11.88 -28.02 -21.58
C GLU B 62 11.93 -26.95 -20.49
N MET B 63 12.40 -27.36 -19.30
CA MET B 63 12.58 -26.52 -18.12
C MET B 63 13.96 -25.90 -18.03
N THR B 64 13.97 -24.63 -17.66
CA THR B 64 15.18 -23.86 -17.41
C THR B 64 15.70 -23.99 -15.99
N GLN B 65 14.85 -24.27 -15.01
CA GLN B 65 15.21 -24.33 -13.61
C GLN B 65 14.48 -25.48 -12.93
N PRO B 66 14.96 -25.92 -11.78
CA PRO B 66 14.21 -26.91 -10.99
C PRO B 66 12.91 -26.33 -10.47
N LEU B 67 11.97 -27.22 -10.14
CA LEU B 67 10.61 -26.82 -9.77
C LEU B 67 10.55 -25.68 -8.76
N LEU B 68 11.16 -25.89 -7.60
CA LEU B 68 11.15 -24.84 -6.57
C LEU B 68 11.66 -23.53 -7.15
N GLU B 69 12.73 -23.58 -7.94
CA GLU B 69 13.30 -22.38 -8.51
C GLU B 69 12.30 -21.66 -9.40
N ILE B 70 11.54 -22.41 -10.20
CA ILE B 70 10.48 -21.81 -11.01
C ILE B 70 9.46 -21.15 -10.11
N PHE B 71 9.08 -21.83 -9.02
CA PHE B 71 7.99 -21.32 -8.21
C PHE B 71 8.39 -20.09 -7.39
N ARG B 72 9.69 -19.88 -7.14
CA ARG B 72 10.11 -18.61 -6.55
C ARG B 72 10.27 -17.50 -7.58
N ASN B 73 10.12 -17.79 -8.87
CA ASN B 73 10.31 -16.81 -9.93
C ASN B 73 8.93 -16.29 -10.30
N LYS B 74 8.48 -15.26 -9.59
CA LYS B 74 7.18 -14.66 -9.88
C LYS B 74 7.20 -13.86 -11.19
N ALA B 75 8.38 -13.58 -11.73
CA ALA B 75 8.46 -12.80 -12.96
C ALA B 75 8.07 -13.62 -14.18
N ASP B 76 8.23 -14.92 -14.11
CA ASP B 76 7.97 -15.82 -15.23
C ASP B 76 6.80 -16.72 -14.84
N THR B 77 5.58 -16.27 -15.11
CA THR B 77 4.39 -17.05 -14.83
C THR B 77 4.13 -18.10 -15.89
N ARG B 78 4.66 -17.92 -17.10
CA ARG B 78 4.42 -18.86 -18.18
C ARG B 78 4.96 -20.25 -17.84
N GLN B 79 6.16 -20.31 -17.25
CA GLN B 79 6.76 -21.60 -16.92
C GLN B 79 5.97 -22.30 -15.82
N ILE B 80 5.55 -21.55 -14.78
CA ILE B 80 4.76 -22.14 -13.71
C ILE B 80 3.45 -22.69 -14.25
N ALA B 81 2.78 -21.90 -15.11
CA ALA B 81 1.54 -22.35 -15.72
C ALA B 81 1.76 -23.60 -16.56
N ALA B 82 2.86 -23.64 -17.32
CA ALA B 82 3.15 -24.81 -18.13
C ALA B 82 3.36 -26.04 -17.27
N VAL B 83 4.11 -25.90 -16.17
CA VAL B 83 4.38 -27.04 -15.29
C VAL B 83 3.07 -27.57 -14.69
N VAL B 84 2.25 -26.66 -14.17
CA VAL B 84 1.00 -27.07 -13.54
C VAL B 84 0.07 -27.72 -14.57
N PHE B 85 -0.01 -27.11 -15.75
CA PHE B 85 -0.87 -27.63 -16.82
C PHE B 85 -0.43 -29.01 -17.27
N SER B 86 0.88 -29.22 -17.44
CA SER B 86 1.33 -30.51 -17.93
C SER B 86 1.24 -31.57 -16.84
N THR B 87 1.40 -31.21 -15.57
CA THR B 87 1.15 -32.17 -14.52
C THR B 87 -0.32 -32.58 -14.51
N LEU B 88 -1.22 -31.61 -14.73
CA LEU B 88 -2.63 -31.94 -14.86
C LEU B 88 -2.87 -32.88 -16.05
N ALA B 89 -2.21 -32.62 -17.17
CA ALA B 89 -2.37 -33.46 -18.36
C ALA B 89 -1.85 -34.87 -18.10
N PHE B 90 -0.71 -34.98 -17.42
CA PHE B 90 -0.15 -36.29 -17.08
C PHE B 90 -1.10 -37.07 -16.18
N ILE B 91 -1.66 -36.40 -15.17
CA ILE B 91 -2.62 -37.06 -14.29
C ILE B 91 -3.86 -37.48 -15.08
N HIS B 92 -4.31 -36.62 -16.00
CA HIS B 92 -5.47 -36.94 -16.82
C HIS B 92 -5.24 -38.18 -17.67
N ASN B 93 -4.04 -38.30 -18.25
CA ASN B 93 -3.73 -39.49 -19.03
C ASN B 93 -3.66 -40.72 -18.14
N ARG B 94 -3.08 -40.59 -16.94
CA ARG B 94 -3.01 -41.73 -16.04
C ARG B 94 -4.41 -42.20 -15.63
N PHE B 95 -5.29 -41.25 -15.34
CA PHE B 95 -6.64 -41.59 -14.90
C PHE B 95 -7.49 -42.12 -16.06
N HIS B 96 -7.22 -41.63 -17.28
CA HIS B 96 -7.98 -42.03 -18.47
C HIS B 96 -6.97 -42.51 -19.50
N PRO B 97 -6.59 -43.79 -19.47
CA PRO B 97 -5.55 -44.27 -20.37
C PRO B 97 -5.89 -44.18 -21.84
N LEU B 98 -7.16 -44.10 -22.21
CA LEU B 98 -7.54 -43.96 -23.60
C LEU B 98 -7.41 -42.54 -24.12
N VAL B 99 -7.19 -41.56 -23.24
CA VAL B 99 -7.06 -40.17 -23.64
C VAL B 99 -5.56 -39.90 -23.87
N THR B 100 -5.24 -39.41 -25.07
CA THR B 100 -3.86 -39.22 -25.49
C THR B 100 -3.52 -37.76 -25.70
N ASN B 101 -4.51 -36.90 -25.92
CA ASN B 101 -4.27 -35.47 -26.07
C ASN B 101 -5.07 -34.72 -25.02
N PHE B 102 -5.01 -33.39 -25.07
CA PHE B 102 -5.61 -32.52 -24.06
C PHE B 102 -5.79 -31.15 -24.68
N THR B 103 -6.58 -30.30 -24.01
CA THR B 103 -6.81 -28.96 -24.52
C THR B 103 -5.52 -28.17 -24.55
N ASN B 104 -5.38 -27.29 -25.55
CA ASN B 104 -4.16 -26.53 -25.74
C ASN B 104 -4.24 -25.12 -25.17
N LYS B 105 -5.34 -24.77 -24.49
CA LYS B 105 -5.50 -23.45 -23.90
C LYS B 105 -5.87 -23.58 -22.43
N MET B 106 -5.47 -22.59 -21.64
CA MET B 106 -5.73 -22.60 -20.20
C MET B 106 -5.64 -21.18 -19.68
N GLU B 107 -6.73 -20.66 -19.16
CA GLU B 107 -6.71 -19.39 -18.44
C GLU B 107 -6.22 -19.63 -17.03
N PHE B 108 -5.17 -18.91 -16.63
CA PHE B 108 -4.57 -19.13 -15.32
C PHE B 108 -4.28 -17.80 -14.64
N VAL B 109 -4.39 -17.81 -13.32
CA VAL B 109 -4.02 -16.70 -12.46
C VAL B 109 -3.05 -17.23 -11.40
N VAL B 110 -1.93 -16.54 -11.23
CA VAL B 110 -0.92 -16.93 -10.24
C VAL B 110 -1.16 -16.09 -9.00
N THR B 111 -1.71 -16.72 -7.96
CA THR B 111 -2.00 -16.01 -6.72
C THR B 111 -0.70 -15.59 -6.03
N GLU B 112 -0.67 -14.35 -5.57
CA GLU B 112 0.46 -13.78 -4.83
C GLU B 112 0.09 -13.35 -3.42
N THR B 113 -1.12 -12.81 -3.23
CA THR B 113 -1.53 -12.27 -1.95
C THR B 113 -2.41 -13.26 -1.20
N ASN B 114 -2.47 -13.09 0.13
CA ASN B 114 -3.25 -13.99 0.96
C ASN B 114 -4.75 -13.82 0.71
N ASP B 115 -5.20 -12.60 0.47
CA ASP B 115 -6.62 -12.33 0.32
C ASP B 115 -7.20 -12.87 -0.98
N THR B 116 -6.40 -13.55 -1.81
CA THR B 116 -6.89 -14.23 -3.00
C THR B 116 -6.41 -15.67 -3.06
N SER B 117 -6.10 -16.27 -1.91
CA SER B 117 -5.60 -17.64 -1.83
C SER B 117 -6.59 -18.52 -1.07
N ILE B 118 -6.77 -19.74 -1.56
CA ILE B 118 -7.67 -20.72 -0.95
C ILE B 118 -6.83 -21.62 -0.05
N PRO B 119 -7.04 -21.62 1.26
CA PRO B 119 -6.29 -22.53 2.12
C PRO B 119 -6.63 -23.98 1.82
N GLY B 120 -5.60 -24.83 1.81
CA GLY B 120 -5.78 -26.24 1.56
C GLY B 120 -5.95 -26.62 0.11
N GLU B 121 -6.09 -25.65 -0.80
CA GLU B 121 -6.27 -25.90 -2.22
C GLU B 121 -5.32 -25.01 -3.01
N PRO B 122 -4.02 -25.34 -2.99
CA PRO B 122 -3.06 -24.47 -3.71
C PRO B 122 -3.33 -24.33 -5.19
N ILE B 123 -3.79 -25.40 -5.83
CA ILE B 123 -4.14 -25.37 -7.25
C ILE B 123 -5.59 -25.83 -7.39
N LEU B 124 -6.35 -25.09 -8.19
CA LEU B 124 -7.76 -25.41 -8.43
C LEU B 124 -8.05 -25.35 -9.93
N PHE B 125 -8.70 -26.39 -10.43
CA PHE B 125 -9.08 -26.46 -11.84
C PHE B 125 -10.59 -26.47 -11.99
N THR B 126 -11.06 -25.76 -13.02
CA THR B 126 -12.45 -25.73 -13.42
C THR B 126 -12.48 -25.14 -14.82
N GLU B 127 -13.65 -25.16 -15.45
CA GLU B 127 -13.81 -24.52 -16.74
C GLU B 127 -15.17 -23.85 -16.86
N ASN B 128 -15.18 -22.76 -17.63
CA ASN B 128 -16.37 -21.96 -17.85
C ASN B 128 -16.43 -21.64 -19.34
N GLU B 129 -17.62 -21.79 -19.92
CA GLU B 129 -17.81 -21.79 -21.37
C GLU B 129 -16.75 -22.63 -22.07
N GLY B 130 -16.51 -23.83 -21.54
CA GLY B 130 -15.61 -24.78 -22.16
C GLY B 130 -14.15 -24.40 -22.17
N VAL B 131 -13.73 -23.42 -21.39
CA VAL B 131 -12.34 -22.98 -21.34
C VAL B 131 -11.76 -23.32 -19.98
N LEU B 132 -10.66 -24.07 -19.98
CA LEU B 132 -10.06 -24.53 -18.73
C LEU B 132 -9.58 -23.34 -17.90
N LEU B 133 -9.86 -23.39 -16.60
CA LEU B 133 -9.58 -22.29 -15.68
C LEU B 133 -8.70 -22.84 -14.56
N CYS B 134 -7.54 -22.23 -14.35
CA CYS B 134 -6.57 -22.71 -13.37
C CYS B 134 -6.16 -21.57 -12.44
N SER B 135 -6.03 -21.90 -11.15
CA SER B 135 -5.59 -20.94 -10.15
C SER B 135 -4.47 -21.55 -9.34
N VAL B 136 -3.34 -20.86 -9.26
CA VAL B 136 -2.14 -21.37 -8.59
C VAL B 136 -1.76 -20.41 -7.46
N ASP B 137 -1.61 -20.96 -6.26
CA ASP B 137 -1.16 -20.20 -5.10
C ASP B 137 0.35 -20.37 -4.99
N ARG B 138 1.08 -19.43 -5.57
CA ARG B 138 2.53 -19.55 -5.63
C ARG B 138 3.20 -19.54 -4.26
N PRO B 139 2.92 -18.60 -3.35
CA PRO B 139 3.59 -18.64 -2.04
C PRO B 139 3.34 -19.93 -1.28
N SER B 140 2.12 -20.47 -1.37
CA SER B 140 1.82 -21.73 -0.69
C SER B 140 2.67 -22.86 -1.22
N ILE B 141 2.80 -22.98 -2.54
CA ILE B 141 3.60 -24.06 -3.13
C ILE B 141 5.07 -23.86 -2.80
N VAL B 142 5.52 -22.60 -2.79
CA VAL B 142 6.91 -22.32 -2.42
C VAL B 142 7.18 -22.77 -1.00
N LYS B 143 6.26 -22.49 -0.08
CA LYS B 143 6.42 -22.95 1.31
C LYS B 143 6.38 -24.47 1.39
N MET B 144 5.52 -25.09 0.57
CA MET B 144 5.44 -26.55 0.54
C MET B 144 6.78 -27.16 0.12
N LEU B 145 7.38 -26.62 -0.94
CA LEU B 145 8.59 -27.22 -1.50
C LEU B 145 9.85 -26.77 -0.78
N SER B 146 9.78 -25.70 0.02
CA SER B 146 10.95 -25.18 0.70
C SER B 146 11.06 -25.66 2.15
N ARG B 147 10.15 -26.52 2.60
CA ARG B 147 10.23 -27.05 3.94
C ARG B 147 11.47 -27.93 4.09
N GLU B 148 11.89 -28.14 5.34
CA GLU B 148 13.01 -29.03 5.59
C GLU B 148 12.50 -30.45 5.80
N PHE B 149 12.77 -31.32 4.83
CA PHE B 149 12.26 -32.68 4.85
C PHE B 149 13.14 -33.55 5.74
N ASP B 150 12.50 -34.43 6.50
CA ASP B 150 13.25 -35.35 7.36
C ASP B 150 13.97 -36.38 6.52
N THR B 151 15.21 -36.67 6.89
CA THR B 151 16.10 -37.54 6.12
C THR B 151 16.77 -38.55 7.04
N GLU B 152 15.96 -39.22 7.86
CA GLU B 152 16.41 -40.24 8.83
C GLU B 152 17.60 -41.08 8.36
N ASP B 195 29.63 -45.25 -12.82
CA ASP B 195 29.01 -44.21 -13.63
C ASP B 195 29.88 -42.96 -13.64
N LEU B 196 29.78 -42.15 -14.69
CA LEU B 196 30.72 -41.06 -14.91
C LEU B 196 30.09 -39.73 -15.31
N SER B 197 28.82 -39.72 -15.73
CA SER B 197 28.29 -38.51 -16.35
C SER B 197 27.89 -37.47 -15.30
N ASP B 198 27.93 -37.82 -14.02
CA ASP B 198 27.64 -37.00 -12.85
C ASP B 198 26.15 -36.82 -12.60
N PHE B 199 25.27 -37.55 -13.29
CA PHE B 199 23.83 -37.43 -13.06
C PHE B 199 23.47 -37.99 -11.69
N SER B 200 22.65 -37.25 -10.96
CA SER B 200 22.18 -37.69 -9.65
C SER B 200 20.95 -36.89 -9.26
N ILE B 201 20.06 -37.51 -8.48
CA ILE B 201 18.83 -36.89 -8.01
C ILE B 201 18.82 -36.95 -6.49
N THR B 202 18.70 -35.79 -5.86
CA THR B 202 18.66 -35.71 -4.41
C THR B 202 17.28 -36.12 -3.88
N GLU B 203 17.24 -36.48 -2.60
CA GLU B 203 15.98 -36.88 -1.99
C GLU B 203 15.00 -35.71 -1.94
N VAL B 204 15.48 -34.51 -1.65
CA VAL B 204 14.61 -33.34 -1.59
C VAL B 204 13.94 -33.11 -2.94
N GLU B 205 14.70 -33.26 -4.03
CA GLU B 205 14.13 -33.03 -5.35
C GLU B 205 13.02 -34.03 -5.65
N ALA B 206 13.25 -35.30 -5.36
CA ALA B 206 12.23 -36.32 -5.63
C ALA B 206 11.00 -36.11 -4.76
N THR B 207 11.19 -35.74 -3.50
CA THR B 207 10.06 -35.54 -2.62
C THR B 207 9.26 -34.31 -3.02
N GLN B 208 9.95 -33.27 -3.50
CA GLN B 208 9.26 -32.09 -4.04
C GLN B 208 8.45 -32.47 -5.27
N TYR B 209 9.03 -33.32 -6.13
CA TYR B 209 8.31 -33.79 -7.32
C TYR B 209 7.04 -34.52 -6.91
N LEU B 210 7.15 -35.43 -5.95
CA LEU B 210 5.99 -36.17 -5.47
C LEU B 210 4.95 -35.23 -4.84
N THR B 211 5.42 -34.22 -4.11
CA THR B 211 4.50 -33.29 -3.45
C THR B 211 3.71 -32.49 -4.48
N LEU B 212 4.39 -31.98 -5.51
CA LEU B 212 3.66 -31.24 -6.55
C LEU B 212 2.70 -32.15 -7.29
N LEU B 213 3.12 -33.38 -7.57
CA LEU B 213 2.22 -34.33 -8.22
C LEU B 213 0.98 -34.57 -7.37
N LEU B 214 1.16 -34.73 -6.06
CA LEU B 214 0.03 -34.96 -5.17
C LEU B 214 -0.90 -33.74 -5.12
N THR B 215 -0.33 -32.53 -5.09
CA THR B 215 -1.17 -31.33 -5.03
C THR B 215 -1.99 -31.17 -6.31
N VAL B 216 -1.34 -31.27 -7.46
CA VAL B 216 -2.08 -31.19 -8.73
C VAL B 216 -3.04 -32.37 -8.85
N GLU B 217 -2.76 -33.47 -8.16
CA GLU B 217 -3.62 -34.65 -8.21
C GLU B 217 -4.89 -34.43 -7.39
N HIS B 218 -4.76 -33.77 -6.24
CA HIS B 218 -5.92 -33.31 -5.48
C HIS B 218 -6.76 -32.33 -6.30
N ALA B 219 -6.09 -31.39 -6.96
CA ALA B 219 -6.80 -30.47 -7.84
C ALA B 219 -7.54 -31.22 -8.95
N TYR B 220 -6.92 -32.26 -9.50
CA TYR B 220 -7.57 -33.04 -10.53
C TYR B 220 -8.74 -33.84 -10.00
N LEU B 221 -8.67 -34.30 -8.75
CA LEU B 221 -9.83 -34.96 -8.15
C LEU B 221 -11.01 -34.00 -8.08
N HIS B 222 -10.75 -32.76 -7.64
CA HIS B 222 -11.83 -31.76 -7.62
C HIS B 222 -12.34 -31.49 -9.04
N TYR B 223 -11.43 -31.38 -10.00
CA TYR B 223 -11.80 -31.14 -11.39
C TYR B 223 -12.66 -32.26 -11.96
N TYR B 224 -12.32 -33.51 -11.62
CA TYR B 224 -13.06 -34.64 -12.15
C TYR B 224 -14.43 -34.73 -11.50
N ILE B 225 -14.52 -34.40 -10.21
CA ILE B 225 -15.83 -34.28 -9.58
C ILE B 225 -16.66 -33.23 -10.28
N PHE B 226 -16.02 -32.11 -10.67
CA PHE B 226 -16.73 -31.09 -11.44
C PHE B 226 -17.31 -31.69 -12.73
N LYS B 227 -16.45 -32.25 -13.57
CA LYS B 227 -16.93 -32.78 -14.85
C LYS B 227 -18.01 -33.85 -14.67
N ASN B 228 -17.85 -34.72 -13.69
CA ASN B 228 -18.76 -35.86 -13.58
C ASN B 228 -20.06 -35.55 -12.85
N TYR B 229 -20.11 -34.48 -12.03
CA TYR B 229 -21.35 -34.27 -11.28
C TYR B 229 -21.76 -32.81 -11.15
N GLY B 230 -21.25 -31.91 -11.99
CA GLY B 230 -21.71 -30.54 -11.96
C GLY B 230 -20.84 -29.63 -11.12
N VAL B 231 -20.93 -28.34 -11.45
CA VAL B 231 -20.19 -27.32 -10.70
C VAL B 231 -20.66 -27.28 -9.26
N PHE B 232 -21.90 -27.71 -9.00
CA PHE B 232 -22.40 -27.71 -7.63
C PHE B 232 -21.76 -28.80 -6.80
N GLU B 233 -21.61 -29.99 -7.39
CA GLU B 233 -20.88 -31.04 -6.68
C GLU B 233 -19.43 -30.65 -6.51
N TYR B 234 -18.86 -29.95 -7.48
CA TYR B 234 -17.51 -29.42 -7.33
C TYR B 234 -17.41 -28.45 -6.16
N CYS B 235 -18.35 -27.50 -6.08
CA CYS B 235 -18.31 -26.51 -5.01
C CYS B 235 -18.55 -27.15 -3.65
N LYS B 236 -19.47 -28.11 -3.57
CA LYS B 236 -19.75 -28.77 -2.31
C LYS B 236 -18.57 -29.65 -1.88
N SER B 237 -17.87 -30.25 -2.85
CA SER B 237 -16.69 -31.03 -2.53
C SER B 237 -15.53 -30.15 -2.10
N LEU B 238 -15.50 -28.91 -2.58
CA LEU B 238 -14.48 -27.97 -2.10
C LEU B 238 -14.57 -27.74 -0.60
N THR B 239 -15.77 -27.88 -0.03
CA THR B 239 -15.96 -27.71 1.41
C THR B 239 -16.15 -29.03 2.14
N ASP B 240 -16.63 -30.06 1.47
CA ASP B 240 -16.91 -31.35 2.10
C ASP B 240 -16.21 -32.39 1.23
N HIS B 241 -15.11 -32.95 1.72
CA HIS B 241 -14.30 -33.86 0.94
C HIS B 241 -14.77 -35.30 1.01
N SER B 242 -15.92 -35.58 1.64
CA SER B 242 -16.45 -36.93 1.65
C SER B 242 -16.95 -37.36 0.28
N LEU B 243 -17.10 -36.42 -0.66
CA LEU B 243 -17.45 -36.80 -2.02
C LEU B 243 -16.31 -37.57 -2.69
N PHE B 244 -15.10 -37.48 -2.14
CA PHE B 244 -14.00 -38.28 -2.64
C PHE B 244 -14.23 -39.77 -2.39
N THR B 245 -15.03 -40.11 -1.38
CA THR B 245 -15.33 -41.51 -1.09
C THR B 245 -16.77 -41.89 -1.45
N ASN B 246 -17.67 -40.91 -1.58
CA ASN B 246 -19.02 -41.22 -2.05
C ASN B 246 -19.09 -41.24 -3.57
N LYS B 247 -18.66 -40.14 -4.20
CA LYS B 247 -18.82 -40.01 -5.65
C LYS B 247 -17.79 -40.82 -6.43
N LEU B 248 -16.80 -41.39 -5.76
CA LEU B 248 -15.82 -42.26 -6.42
C LEU B 248 -16.34 -43.69 -6.34
N ARG B 249 -17.15 -44.07 -7.33
CA ARG B 249 -17.77 -45.38 -7.34
C ARG B 249 -16.73 -46.47 -7.56
N SER B 250 -17.07 -47.68 -7.10
CA SER B 250 -16.13 -48.80 -7.16
C SER B 250 -15.92 -49.30 -8.58
N THR B 251 -16.79 -48.93 -9.52
CA THR B 251 -16.60 -49.34 -10.91
C THR B 251 -15.31 -48.76 -11.47
N MET B 252 -15.03 -47.51 -11.15
CA MET B 252 -13.79 -46.83 -11.55
C MET B 252 -12.72 -46.87 -10.46
N SER B 253 -12.79 -47.90 -9.59
CA SER B 253 -11.72 -48.08 -8.60
C SER B 253 -10.39 -48.38 -9.27
N THR B 254 -10.39 -49.20 -10.32
CA THR B 254 -9.16 -49.46 -11.05
C THR B 254 -8.62 -48.18 -11.67
N LYS B 255 -9.51 -47.29 -12.10
CA LYS B 255 -9.10 -46.03 -12.70
C LYS B 255 -8.48 -45.11 -11.65
N THR B 256 -9.11 -45.00 -10.49
CA THR B 256 -8.59 -44.09 -9.46
C THR B 256 -7.36 -44.67 -8.78
N SER B 257 -7.19 -46.00 -8.83
CA SER B 257 -6.00 -46.62 -8.26
C SER B 257 -4.75 -46.25 -9.04
N ASN B 258 -4.93 -45.69 -10.25
CA ASN B 258 -3.81 -45.24 -11.04
C ASN B 258 -3.18 -43.98 -10.46
N LEU B 259 -3.88 -43.30 -9.56
CA LEU B 259 -3.39 -42.08 -8.94
C LEU B 259 -2.46 -42.42 -7.78
N LEU B 260 -1.35 -41.70 -7.69
CA LEU B 260 -0.42 -41.90 -6.58
C LEU B 260 -1.00 -41.41 -5.25
N LEU B 261 -2.03 -40.58 -5.29
CA LEU B 261 -2.70 -40.16 -4.07
C LEU B 261 -3.37 -41.32 -3.36
N SER B 262 -3.71 -42.37 -4.10
CA SER B 262 -4.38 -43.54 -3.52
C SER B 262 -3.41 -44.54 -2.90
N LYS B 263 -2.11 -44.31 -3.01
CA LYS B 263 -1.10 -45.24 -2.51
C LYS B 263 -0.74 -45.00 -1.05
N PHE B 264 -1.37 -44.03 -0.39
CA PHE B 264 -1.02 -43.71 0.99
C PHE B 264 -2.23 -43.15 1.71
N LYS B 265 -2.17 -43.21 3.05
CA LYS B 265 -3.20 -42.66 3.92
C LYS B 265 -2.57 -41.67 4.89
N PHE B 266 -3.25 -40.55 5.11
CA PHE B 266 -2.82 -39.54 6.05
C PHE B 266 -3.98 -39.19 6.97
N THR B 267 -3.82 -39.48 8.25
CA THR B 267 -4.87 -39.24 9.23
C THR B 267 -4.36 -38.26 10.29
N ILE B 268 -5.30 -37.54 10.90
CA ILE B 268 -5.01 -36.55 11.91
C ILE B 268 -5.73 -36.96 13.20
N GLU B 269 -4.96 -37.16 14.26
CA GLU B 269 -5.51 -37.61 15.55
C GLU B 269 -5.11 -36.62 16.63
N ASP B 270 -6.08 -36.20 17.43
CA ASP B 270 -5.82 -35.26 18.52
C ASP B 270 -5.01 -35.95 19.62
N PHE B 271 -4.15 -35.17 20.27
CA PHE B 271 -3.33 -35.69 21.34
C PHE B 271 -2.96 -34.58 22.33
N LEU C 113 -26.01 37.26 -9.62
CA LEU C 113 -25.91 37.00 -8.20
C LEU C 113 -25.32 35.62 -7.94
N ILE C 114 -24.40 35.53 -6.98
CA ILE C 114 -23.72 34.28 -6.66
C ILE C 114 -23.92 33.99 -5.18
N ASN C 115 -23.76 32.71 -4.82
CA ASN C 115 -23.89 32.28 -3.43
C ASN C 115 -22.54 32.50 -2.75
N MET C 116 -22.48 33.50 -1.87
CA MET C 116 -21.23 33.81 -1.19
C MET C 116 -20.74 32.64 -0.34
N ARG C 117 -21.66 31.90 0.27
CA ARG C 117 -21.26 30.86 1.22
C ARG C 117 -20.58 29.69 0.52
N ARG C 118 -21.19 29.20 -0.57
CA ARG C 118 -20.60 28.08 -1.30
C ARG C 118 -19.25 28.45 -1.90
N TYR C 119 -19.17 29.63 -2.51
CA TYR C 119 -17.91 30.09 -3.07
C TYR C 119 -16.85 30.25 -1.98
N ARG C 120 -17.24 30.77 -0.82
CA ARG C 120 -16.30 30.92 0.27
C ARG C 120 -15.80 29.56 0.76
N ASN C 121 -16.69 28.57 0.85
CA ASN C 121 -16.27 27.24 1.28
C ASN C 121 -15.31 26.61 0.28
N ALA C 122 -15.63 26.72 -1.02
CA ALA C 122 -14.73 26.18 -2.04
C ALA C 122 -13.38 26.87 -2.00
N ALA C 123 -13.38 28.19 -1.84
CA ALA C 123 -12.13 28.93 -1.73
C ALA C 123 -11.34 28.49 -0.52
N ARG C 124 -12.02 28.31 0.61
CA ARG C 124 -11.36 27.90 1.83
C ARG C 124 -10.66 26.56 1.64
N LYS C 125 -11.37 25.58 1.07
CA LYS C 125 -10.78 24.26 0.89
C LYS C 125 -9.62 24.29 -0.10
N LEU C 126 -9.82 24.95 -1.25
CA LEU C 126 -8.77 24.98 -2.26
C LEU C 126 -7.53 25.70 -1.76
N ILE C 127 -7.71 26.79 -1.00
CA ILE C 127 -6.57 27.52 -0.46
C ILE C 127 -5.90 26.72 0.65
N HIS C 128 -6.68 26.00 1.45
CA HIS C 128 -6.08 25.12 2.46
C HIS C 128 -5.14 24.12 1.81
N HIS C 129 -5.58 23.50 0.71
CA HIS C 129 -4.71 22.56 0.04
C HIS C 129 -3.53 23.27 -0.62
N TYR C 130 -3.78 24.38 -1.30
CA TYR C 130 -2.74 25.05 -2.07
C TYR C 130 -1.76 25.81 -1.18
N SER C 131 -2.06 26.00 0.09
CA SER C 131 -1.11 26.60 1.03
C SER C 131 -0.35 25.55 1.83
N LEU C 132 -0.62 24.27 1.62
CA LEU C 132 -0.01 23.19 2.40
C LEU C 132 -0.25 23.36 3.89
N ASN C 133 -1.41 23.90 4.26
CA ASN C 133 -1.82 24.01 5.65
C ASN C 133 -2.74 22.89 6.08
N SER C 134 -3.02 21.93 5.19
CA SER C 134 -3.92 20.83 5.51
C SER C 134 -3.54 19.61 4.69
N THR C 135 -3.75 18.42 5.27
CA THR C 135 -3.51 17.17 4.56
C THR C 135 -4.77 16.60 3.93
N SER C 136 -5.90 17.28 4.04
CA SER C 136 -7.15 16.80 3.46
C SER C 136 -7.02 16.65 1.95
N SER C 137 -7.07 15.41 1.46
CA SER C 137 -6.89 15.11 0.05
C SER C 137 -8.27 14.93 -0.58
N THR C 138 -8.82 16.01 -1.12
CA THR C 138 -10.08 15.99 -1.83
C THR C 138 -9.84 16.36 -3.28
N GLU C 139 -10.39 15.57 -4.19
CA GLU C 139 -10.20 15.83 -5.62
C GLU C 139 -10.80 17.18 -5.98
N TYR C 140 -9.93 18.11 -6.39
CA TYR C 140 -10.34 19.46 -6.74
C TYR C 140 -10.51 19.57 -8.25
N LYS C 141 -11.58 20.21 -8.67
CA LYS C 141 -11.90 20.39 -10.07
C LYS C 141 -11.73 21.85 -10.46
N ILE C 142 -11.86 22.12 -11.76
CA ILE C 142 -11.76 23.48 -12.27
C ILE C 142 -12.83 24.37 -11.66
N SER C 143 -13.98 23.79 -11.33
CA SER C 143 -15.07 24.57 -10.73
C SER C 143 -14.63 25.21 -9.42
N ASP C 144 -13.83 24.49 -8.63
CA ASP C 144 -13.36 25.06 -7.37
C ASP C 144 -12.44 26.26 -7.61
N VAL C 145 -11.59 26.18 -8.64
CA VAL C 145 -10.75 27.32 -8.99
C VAL C 145 -11.61 28.51 -9.41
N VAL C 146 -12.62 28.25 -10.24
CA VAL C 146 -13.50 29.33 -10.68
C VAL C 146 -14.19 29.98 -9.48
N MET C 147 -14.69 29.16 -8.56
CA MET C 147 -15.37 29.68 -7.39
C MET C 147 -14.43 30.47 -6.49
N THR C 148 -13.22 29.97 -6.27
CA THR C 148 -12.29 30.69 -5.40
C THR C 148 -11.89 32.03 -6.00
N MET C 149 -11.66 32.07 -7.32
CA MET C 149 -11.29 33.33 -7.94
C MET C 149 -12.46 34.32 -7.93
N ILE C 150 -13.67 33.83 -8.20
CA ILE C 150 -14.84 34.72 -8.19
C ILE C 150 -15.09 35.27 -6.80
N PHE C 151 -14.99 34.42 -5.78
CA PHE C 151 -15.17 34.89 -4.40
C PHE C 151 -14.09 35.89 -4.02
N LEU C 152 -12.84 35.62 -4.43
CA LEU C 152 -11.76 36.54 -4.14
C LEU C 152 -12.01 37.90 -4.77
N LEU C 153 -12.52 37.91 -6.00
CA LEU C 153 -12.84 39.18 -6.65
C LEU C 153 -13.98 39.89 -5.95
N ARG C 154 -15.05 39.17 -5.62
CA ARG C 154 -16.26 39.82 -5.13
C ARG C 154 -16.07 40.40 -3.73
N SER C 155 -15.39 39.69 -2.85
CA SER C 155 -15.22 40.16 -1.48
C SER C 155 -14.26 41.35 -1.45
N GLU C 156 -14.68 42.43 -0.81
CA GLU C 156 -13.92 43.68 -0.85
C GLU C 156 -12.56 43.53 -0.17
N LYS C 157 -12.52 42.85 0.98
CA LYS C 157 -11.28 42.78 1.74
C LYS C 157 -10.36 41.66 1.28
N TYR C 158 -10.75 40.90 0.26
CA TYR C 158 -9.86 39.96 -0.41
C TYR C 158 -9.38 40.46 -1.76
N HIS C 159 -9.54 41.75 -2.05
CA HIS C 159 -9.12 42.29 -3.34
C HIS C 159 -7.61 42.18 -3.51
N SER C 160 -6.85 42.41 -2.45
CA SER C 160 -5.40 42.28 -2.53
C SER C 160 -5.00 40.86 -2.92
N LEU C 161 -5.61 39.86 -2.27
CA LEU C 161 -5.30 38.48 -2.59
C LEU C 161 -5.75 38.13 -4.00
N PHE C 162 -6.90 38.64 -4.44
CA PHE C 162 -7.37 38.34 -5.78
C PHE C 162 -6.42 38.90 -6.83
N LYS C 163 -5.98 40.15 -6.65
CA LYS C 163 -5.02 40.73 -7.58
C LYS C 163 -3.70 39.96 -7.55
N LEU C 164 -3.26 39.57 -6.35
CA LEU C 164 -2.02 38.81 -6.21
C LEU C 164 -2.07 37.51 -7.00
N LEU C 165 -3.17 36.78 -6.89
CA LEU C 165 -3.28 35.50 -7.59
C LEU C 165 -3.57 35.69 -9.07
N GLU C 166 -4.20 36.81 -9.44
CA GLU C 166 -4.50 37.05 -10.85
C GLU C 166 -3.24 37.46 -11.60
N THR C 167 -2.30 38.11 -10.92
CA THR C 167 -1.04 38.45 -11.57
C THR C 167 -0.26 37.21 -12.01
N THR C 168 -0.61 36.04 -11.49
CA THR C 168 0.11 34.81 -11.82
C THR C 168 -0.25 34.28 -13.21
N PHE C 169 -1.22 34.88 -13.90
CA PHE C 169 -1.59 34.40 -15.22
C PHE C 169 -0.43 34.45 -16.20
N ASP C 170 0.35 35.53 -16.17
CA ASP C 170 1.53 35.66 -17.01
C ASP C 170 2.77 35.52 -16.15
N ASP C 171 3.69 34.64 -16.56
CA ASP C 171 4.88 34.37 -15.77
C ASP C 171 5.79 35.58 -15.66
N TYR C 172 5.72 36.50 -16.62
CA TYR C 172 6.58 37.67 -16.63
C TYR C 172 6.09 38.78 -15.70
N THR C 173 4.83 38.74 -15.28
CA THR C 173 4.28 39.71 -14.35
C THR C 173 4.38 39.15 -12.93
N CYS C 174 5.22 39.77 -12.11
CA CYS C 174 5.45 39.24 -10.77
C CYS C 174 4.69 40.04 -9.72
N ARG C 175 4.99 39.74 -8.46
CA ARG C 175 4.11 40.13 -7.35
C ARG C 175 4.01 41.65 -7.24
N PRO C 176 2.81 42.18 -7.03
CA PRO C 176 2.65 43.63 -6.88
C PRO C 176 3.35 44.14 -5.63
N GLN C 177 3.78 45.39 -5.68
CA GLN C 177 4.45 46.01 -4.55
C GLN C 177 3.44 46.37 -3.46
N MET C 178 3.67 45.87 -2.25
CA MET C 178 2.80 46.13 -1.11
C MET C 178 3.63 46.67 0.04
N THR C 179 3.16 47.78 0.62
CA THR C 179 3.80 48.30 1.82
C THR C 179 3.43 47.41 3.02
N GLN C 180 4.18 47.58 4.10
CA GLN C 180 4.10 46.65 5.22
C GLN C 180 2.68 46.54 5.78
N VAL C 181 1.96 47.66 5.83
CA VAL C 181 0.58 47.61 6.33
C VAL C 181 -0.28 46.76 5.40
N GLN C 182 -0.05 46.85 4.09
CA GLN C 182 -0.81 46.05 3.14
C GLN C 182 -0.51 44.56 3.31
N THR C 183 0.76 44.21 3.50
CA THR C 183 1.11 42.80 3.72
C THR C 183 0.48 42.28 5.00
N ASP C 184 0.52 43.09 6.06
CA ASP C 184 -0.10 42.68 7.32
C ASP C 184 -1.61 42.48 7.15
N THR C 185 -2.27 43.41 6.45
CA THR C 185 -3.71 43.29 6.23
C THR C 185 -4.03 42.04 5.41
N LEU C 186 -3.22 41.75 4.39
CA LEU C 186 -3.46 40.55 3.59
C LEU C 186 -3.23 39.29 4.43
N LEU C 187 -2.24 39.31 5.32
CA LEU C 187 -2.04 38.18 6.21
C LEU C 187 -3.23 37.97 7.12
N ASP C 188 -3.79 39.06 7.67
CA ASP C 188 -4.99 38.93 8.49
C ASP C 188 -6.16 38.40 7.66
N ALA C 189 -6.26 38.85 6.40
CA ALA C 189 -7.33 38.35 5.53
C ALA C 189 -7.21 36.85 5.30
N VAL C 190 -5.99 36.38 5.03
CA VAL C 190 -5.78 34.95 4.83
C VAL C 190 -6.09 34.18 6.10
N ARG C 191 -5.67 34.69 7.25
CA ARG C 191 -5.95 34.04 8.52
C ARG C 191 -7.46 33.96 8.75
N SER C 192 -8.19 35.04 8.47
CA SER C 192 -9.64 35.03 8.63
C SER C 192 -10.28 34.02 7.69
N LEU C 193 -9.80 33.95 6.44
CA LEU C 193 -10.37 33.00 5.50
C LEU C 193 -10.15 31.57 5.97
N LEU C 194 -8.99 31.28 6.55
CA LEU C 194 -8.68 29.94 7.01
C LEU C 194 -9.15 29.66 8.44
N GLU C 195 -9.54 30.71 9.18
CA GLU C 195 -9.82 30.67 10.62
C GLU C 195 -8.94 29.65 11.34
N MET C 196 -7.64 29.88 11.30
CA MET C 196 -6.73 29.07 12.11
C MET C 196 -6.58 29.72 13.48
N THR C 200 2.55 29.32 12.19
CA THR C 200 1.38 30.11 11.82
C THR C 200 1.48 30.62 10.39
N ILE C 201 0.53 31.44 9.97
CA ILE C 201 0.51 31.98 8.62
C ILE C 201 1.42 33.19 8.56
N ASP C 202 2.28 33.22 7.53
CA ASP C 202 3.21 34.33 7.35
C ASP C 202 3.49 34.45 5.85
N LEU C 203 4.59 35.14 5.51
CA LEU C 203 4.87 35.47 4.11
C LEU C 203 5.12 34.21 3.28
N THR C 204 5.78 33.20 3.85
CA THR C 204 6.10 32.03 3.06
C THR C 204 4.85 31.25 2.67
N THR C 205 3.79 31.32 3.50
CA THR C 205 2.52 30.74 3.12
C THR C 205 1.95 31.44 1.89
N VAL C 206 2.06 32.77 1.84
CA VAL C 206 1.59 33.51 0.69
C VAL C 206 2.42 33.15 -0.55
N ASP C 207 3.72 32.95 -0.37
CA ASP C 207 4.56 32.54 -1.49
C ASP C 207 4.16 31.16 -2.00
N ILE C 208 3.89 30.22 -1.09
CA ILE C 208 3.43 28.89 -1.49
C ILE C 208 2.13 29.00 -2.28
N MET C 209 1.20 29.81 -1.78
CA MET C 209 -0.08 29.98 -2.46
C MET C 209 0.10 30.57 -3.84
N ARG C 210 0.97 31.59 -3.96
CA ARG C 210 1.21 32.21 -5.26
C ARG C 210 1.78 31.20 -6.25
N SER C 211 2.78 30.43 -5.83
CA SER C 211 3.37 29.44 -6.74
C SER C 211 2.35 28.39 -7.13
N SER C 212 1.57 27.90 -6.16
CA SER C 212 0.59 26.86 -6.45
C SER C 212 -0.47 27.35 -7.43
N PHE C 213 -0.98 28.55 -7.21
CA PHE C 213 -2.01 29.07 -8.10
C PHE C 213 -1.44 29.40 -9.48
N ALA C 214 -0.19 29.86 -9.54
CA ALA C 214 0.43 30.11 -10.84
C ALA C 214 0.54 28.82 -11.64
N ARG C 215 0.99 27.74 -11.00
CA ARG C 215 1.13 26.48 -11.70
C ARG C 215 -0.23 25.89 -12.06
N CYS C 216 -1.24 26.10 -11.21
CA CYS C 216 -2.58 25.62 -11.53
C CYS C 216 -3.16 26.37 -12.72
N PHE C 217 -2.97 27.69 -12.77
CA PHE C 217 -3.53 28.50 -13.85
C PHE C 217 -2.83 28.20 -15.17
N ASN C 218 -1.50 28.16 -15.18
CA ASN C 218 -0.79 27.92 -16.42
C ASN C 218 -0.93 26.50 -16.92
N SER C 219 -1.44 25.59 -16.09
CA SER C 219 -1.65 24.23 -16.52
C SER C 219 -2.83 24.15 -17.49
N PRO C 220 -2.73 23.28 -18.49
CA PRO C 220 -3.83 23.13 -19.45
C PRO C 220 -4.97 22.29 -18.87
N ILE C 221 -6.14 22.46 -19.47
CA ILE C 221 -7.30 21.66 -19.11
C ILE C 221 -7.04 20.22 -19.48
N MET C 222 -7.20 19.30 -18.53
CA MET C 222 -6.86 17.91 -18.75
C MET C 222 -7.78 17.02 -17.94
N ARG C 223 -7.94 15.78 -18.41
CA ARG C 223 -8.93 14.86 -17.86
C ARG C 223 -8.52 14.25 -16.53
N TYR C 224 -7.22 14.13 -16.25
CA TYR C 224 -6.76 13.48 -15.04
C TYR C 224 -5.94 14.45 -14.22
N ALA C 225 -6.11 14.40 -12.91
CA ALA C 225 -5.43 15.32 -12.01
C ALA C 225 -3.91 15.19 -12.15
N LYS C 226 -3.24 16.32 -12.26
CA LYS C 226 -1.78 16.35 -12.40
C LYS C 226 -1.15 16.42 -11.01
N ILE C 227 -0.25 15.49 -10.73
CA ILE C 227 0.44 15.41 -9.45
C ILE C 227 1.79 16.10 -9.58
N VAL C 228 2.02 17.11 -8.75
CA VAL C 228 3.23 17.92 -8.79
C VAL C 228 3.84 18.00 -7.40
N LEU C 229 5.01 18.61 -7.32
CA LEU C 229 5.68 18.91 -6.07
C LEU C 229 5.94 20.41 -5.98
N LEU C 230 6.09 20.90 -4.75
CA LEU C 230 6.30 22.32 -4.52
C LEU C 230 7.60 22.77 -5.15
N GLN C 231 7.56 23.91 -5.85
CA GLN C 231 8.75 24.45 -6.49
C GLN C 231 8.52 25.93 -6.76
N ASN C 232 9.61 26.63 -7.06
CA ASN C 232 9.61 28.05 -7.40
C ASN C 232 9.01 28.84 -6.22
N VAL C 233 9.74 28.83 -5.11
CA VAL C 233 9.45 29.67 -3.96
C VAL C 233 10.77 30.18 -3.39
N ALA C 234 10.68 31.27 -2.63
CA ALA C 234 11.85 31.89 -1.99
C ALA C 234 12.96 32.19 -2.98
N ASP C 238 17.62 32.50 -5.15
CA ASP C 238 18.84 32.90 -5.83
C ASP C 238 19.90 31.82 -5.74
N LYS C 239 20.18 31.38 -4.51
CA LYS C 239 21.22 30.39 -4.24
C LYS C 239 20.63 29.00 -4.41
N ARG C 240 20.78 28.46 -5.62
CA ARG C 240 20.34 27.09 -5.90
C ARG C 240 21.37 26.11 -5.35
N THR C 241 21.03 25.43 -4.28
CA THR C 241 21.98 24.56 -3.57
C THR C 241 21.51 23.11 -3.62
N THR C 242 22.30 22.24 -3.01
CA THR C 242 21.96 20.84 -2.82
C THR C 242 21.99 20.53 -1.33
N LEU C 243 21.79 19.25 -1.00
CA LEU C 243 21.63 18.88 0.40
C LEU C 243 22.96 18.96 1.15
N GLU C 244 24.07 18.63 0.49
CA GLU C 244 25.34 18.52 1.21
C GLU C 244 25.92 19.88 1.56
N GLU C 245 25.86 20.84 0.64
CA GLU C 245 26.33 22.19 0.94
C GLU C 245 25.52 22.81 2.07
N LEU C 246 24.21 22.60 2.04
CA LEU C 246 23.37 23.03 3.15
C LEU C 246 23.76 22.33 4.44
N LEU C 247 24.05 21.04 4.36
CA LEU C 247 24.48 20.32 5.55
C LEU C 247 25.69 21.00 6.18
N ILE C 248 26.71 21.27 5.37
CA ILE C 248 27.93 21.89 5.89
C ILE C 248 27.64 23.27 6.46
N GLU C 249 26.93 24.10 5.70
CA GLU C 249 26.72 25.48 6.11
C GLU C 249 25.88 25.57 7.39
N ARG C 250 24.74 24.88 7.41
CA ARG C 250 23.88 24.93 8.59
C ARG C 250 24.51 24.21 9.77
N GLY C 251 25.38 23.23 9.51
CA GLY C 251 26.11 22.61 10.61
C GLY C 251 27.06 23.59 11.28
N GLU C 252 27.81 24.35 10.47
CA GLU C 252 28.66 25.39 11.05
C GLU C 252 27.82 26.42 11.80
N LYS C 253 26.70 26.83 11.22
CA LYS C 253 25.86 27.84 11.86
C LYS C 253 25.28 27.33 13.18
N ILE C 254 24.94 26.04 13.23
CA ILE C 254 24.41 25.45 14.46
C ILE C 254 25.51 25.35 15.50
N GLN C 255 26.72 24.96 15.09
CA GLN C 255 27.83 24.93 16.01
C GLN C 255 28.14 26.31 16.57
N MET C 256 27.84 27.36 15.80
CA MET C 256 27.95 28.71 16.33
C MET C 256 26.98 28.93 17.49
N LEU C 257 25.75 28.44 17.36
CA LEU C 257 24.73 28.70 18.36
C LEU C 257 25.09 28.06 19.70
N GLN C 258 24.88 28.83 20.77
CA GLN C 258 25.18 28.34 22.13
C GLN C 258 24.09 27.37 22.57
N PRO C 259 24.45 26.24 23.18
CA PRO C 259 23.43 25.33 23.70
C PRO C 259 22.64 25.99 24.83
N GLN C 260 21.35 25.67 24.90
CA GLN C 260 20.49 26.26 25.90
C GLN C 260 20.42 25.43 27.18
N GLN C 261 20.17 24.13 27.06
CA GLN C 261 19.96 23.27 28.22
C GLN C 261 20.95 22.12 28.23
N TYR C 262 21.49 21.82 29.40
CA TYR C 262 22.43 20.73 29.62
C TYR C 262 21.72 19.64 30.38
N ILE C 263 21.86 18.40 29.93
CA ILE C 263 21.25 17.23 30.56
C ILE C 263 22.35 16.32 31.09
N ASN C 264 22.32 16.05 32.38
CA ASN C 264 23.31 15.18 33.01
C ASN C 264 22.64 14.05 33.78
N ILE C 269 14.84 7.24 34.24
CA ILE C 269 13.71 7.70 33.46
C ILE C 269 12.50 6.80 33.69
N PRO C 270 11.41 7.39 34.20
CA PRO C 270 10.23 6.58 34.52
C PRO C 270 9.52 6.11 33.25
N PHE C 271 9.26 4.81 33.20
CA PHE C 271 8.60 4.17 32.07
C PHE C 271 7.42 3.37 32.59
N CYS C 272 6.57 4.01 33.40
CA CYS C 272 5.55 3.33 34.18
C CYS C 272 4.65 2.46 33.32
N ASP C 273 4.32 1.29 33.87
CA ASP C 273 3.42 0.33 33.23
C ASP C 273 2.16 0.13 34.06
N ASP C 274 1.59 1.24 34.55
CA ASP C 274 0.39 1.18 35.37
C ASP C 274 -0.77 0.63 34.54
N ALA C 275 -1.16 -0.62 34.82
CA ALA C 275 -2.06 -1.33 33.93
C ALA C 275 -3.39 -0.60 33.78
N GLU C 276 -3.94 -0.10 34.89
CA GLU C 276 -5.20 0.63 34.82
C GLU C 276 -5.05 1.90 33.98
N PHE C 277 -3.94 2.62 34.15
CA PHE C 277 -3.75 3.86 33.41
C PHE C 277 -3.61 3.59 31.92
N LEU C 278 -2.84 2.55 31.54
CA LEU C 278 -2.73 2.21 30.13
C LEU C 278 -4.06 1.72 29.58
N ASN C 279 -4.86 1.04 30.42
CA ASN C 279 -6.18 0.61 29.96
C ASN C 279 -7.08 1.80 29.66
N ARG C 280 -7.06 2.82 30.53
CA ARG C 280 -7.85 4.03 30.27
C ARG C 280 -7.34 4.75 29.03
N LEU C 281 -6.02 4.84 28.86
CA LEU C 281 -5.47 5.47 27.68
C LEU C 281 -5.88 4.73 26.41
N LEU C 282 -5.83 3.40 26.43
CA LEU C 282 -6.27 2.62 25.28
C LEU C 282 -7.75 2.82 25.01
N LYS C 283 -8.56 2.91 26.07
CA LYS C 283 -9.98 3.17 25.89
C LYS C 283 -10.20 4.50 25.20
N HIS C 284 -9.46 5.53 25.59
CA HIS C 284 -9.57 6.82 24.93
C HIS C 284 -9.10 6.75 23.48
N ILE C 285 -8.02 6.02 23.21
CA ILE C 285 -7.45 5.95 21.87
C ILE C 285 -8.16 4.94 20.99
N ASP C 286 -8.88 3.97 21.57
CA ASP C 286 -9.48 2.88 20.80
C ASP C 286 -10.35 3.34 19.63
N PRO C 287 -11.26 4.31 19.78
CA PRO C 287 -12.12 4.69 18.63
C PRO C 287 -11.36 5.36 17.49
N TYR C 288 -10.11 5.74 17.69
CA TYR C 288 -9.37 6.46 16.66
C TYR C 288 -8.91 5.50 15.56
N PRO C 289 -9.19 5.78 14.30
CA PRO C 289 -8.76 4.90 13.21
C PRO C 289 -7.27 5.03 12.90
N LEU C 290 -6.46 4.22 13.59
CA LEU C 290 -5.00 4.22 13.51
C LEU C 290 -4.47 4.52 12.12
N SER C 291 -5.08 3.94 11.09
CA SER C 291 -4.64 4.21 9.72
C SER C 291 -4.74 5.69 9.38
N ARG C 292 -5.82 6.35 9.81
CA ARG C 292 -5.96 7.78 9.57
C ARG C 292 -4.88 8.57 10.28
N MET C 293 -4.56 8.19 11.52
CA MET C 293 -3.52 8.87 12.26
C MET C 293 -2.17 8.73 11.56
N TYR C 294 -1.85 7.51 11.11
CA TYR C 294 -0.60 7.29 10.38
C TYR C 294 -0.56 8.10 9.10
N TYR C 295 -1.67 8.13 8.36
CA TYR C 295 -1.73 8.91 7.13
C TYR C 295 -1.47 10.38 7.41
N ASN C 296 -2.14 10.92 8.44
CA ASN C 296 -1.97 12.33 8.78
C ASN C 296 -0.53 12.63 9.17
N ALA C 297 0.07 11.79 10.01
CA ALA C 297 1.44 12.02 10.47
C ALA C 297 2.42 11.95 9.30
N ALA C 298 2.29 10.92 8.45
CA ALA C 298 3.22 10.76 7.35
C ALA C 298 3.10 11.90 6.34
N ASN C 299 1.87 12.29 6.00
CA ASN C 299 1.69 13.38 5.05
C ASN C 299 2.17 14.69 5.64
N THR C 300 1.98 14.89 6.94
CA THR C 300 2.48 16.10 7.59
C THR C 300 4.00 16.17 7.52
N MET C 301 4.68 15.06 7.83
CA MET C 301 6.14 15.04 7.73
C MET C 301 6.59 15.28 6.30
N PHE C 302 5.92 14.66 5.33
CA PHE C 302 6.29 14.83 3.93
C PHE C 302 6.13 16.28 3.49
N TYR C 303 5.02 16.92 3.88
CA TYR C 303 4.78 18.29 3.45
C TYR C 303 5.74 19.25 4.13
N THR C 304 6.04 19.03 5.41
CA THR C 304 7.01 19.89 6.09
C THR C 304 8.39 19.76 5.45
N THR C 305 8.81 18.53 5.14
CA THR C 305 10.10 18.33 4.49
C THR C 305 10.12 18.99 3.12
N MET C 306 9.05 18.84 2.34
CA MET C 306 9.02 19.44 1.00
C MET C 306 9.05 20.97 1.08
N GLU C 307 8.30 21.54 2.03
CA GLU C 307 8.29 22.99 2.16
C GLU C 307 9.63 23.51 2.63
N ASN C 308 10.31 22.79 3.53
CA ASN C 308 11.64 23.20 3.95
C ASN C 308 12.63 23.12 2.79
N TYR C 309 12.53 22.06 1.98
CA TYR C 309 13.41 21.94 0.81
C TYR C 309 13.17 23.09 -0.17
N ALA C 310 11.91 23.36 -0.50
CA ALA C 310 11.60 24.39 -1.49
C ALA C 310 11.97 25.77 -0.97
N VAL C 311 11.70 26.04 0.31
CA VAL C 311 12.04 27.34 0.87
C VAL C 311 13.54 27.55 0.90
N SER C 312 14.30 26.51 1.27
CA SER C 312 15.75 26.59 1.29
C SER C 312 16.36 26.55 -0.10
N ASN C 313 15.54 26.48 -1.15
CA ASN C 313 16.03 26.43 -2.53
C ASN C 313 16.96 25.25 -2.75
N CYS C 314 16.64 24.12 -2.13
CA CYS C 314 17.41 22.90 -2.25
C CYS C 314 16.60 21.84 -2.98
N LYS C 315 17.26 21.13 -3.90
CA LYS C 315 16.59 20.08 -4.66
C LYS C 315 16.07 19.00 -3.72
N PHE C 316 14.77 18.73 -3.80
CA PHE C 316 14.14 17.68 -3.01
C PHE C 316 14.29 16.36 -3.78
N ASN C 317 15.08 15.45 -3.24
CA ASN C 317 15.34 14.17 -3.89
C ASN C 317 14.34 13.16 -3.36
N ILE C 318 13.26 12.95 -4.11
CA ILE C 318 12.22 12.03 -3.68
C ILE C 318 12.69 10.58 -3.76
N GLU C 319 13.79 10.31 -4.46
CA GLU C 319 14.40 9.00 -4.38
C GLU C 319 14.75 8.65 -2.94
N ASP C 320 15.39 9.59 -2.23
CA ASP C 320 15.77 9.36 -0.85
C ASP C 320 14.55 9.21 0.05
N TYR C 321 13.53 10.06 -0.14
CA TYR C 321 12.36 10.00 0.72
C TYR C 321 11.60 8.69 0.53
N ASN C 322 11.47 8.25 -0.73
CA ASN C 322 10.83 6.96 -0.98
C ASN C 322 11.70 5.81 -0.49
N ASN C 323 13.02 5.97 -0.55
CA ASN C 323 13.91 4.94 -0.04
C ASN C 323 13.79 4.82 1.48
N ILE C 324 13.36 5.89 2.15
CA ILE C 324 13.07 5.77 3.58
C ILE C 324 11.97 4.73 3.81
N PHE C 325 10.86 4.86 3.08
CA PHE C 325 9.77 3.90 3.21
C PHE C 325 10.22 2.51 2.78
N LYS C 326 11.03 2.44 1.72
CA LYS C 326 11.55 1.14 1.27
C LYS C 326 12.41 0.51 2.35
N VAL C 327 13.18 1.34 3.08
CA VAL C 327 13.98 0.84 4.19
C VAL C 327 13.09 0.27 5.27
N MET C 328 12.01 0.98 5.61
CA MET C 328 11.08 0.45 6.61
C MET C 328 10.50 -0.89 6.18
N GLU C 329 10.07 -0.97 4.90
CA GLU C 329 9.47 -2.20 4.39
C GLU C 329 10.48 -3.35 4.42
N ASN C 330 11.72 -3.08 4.05
CA ASN C 330 12.74 -4.12 4.07
C ASN C 330 13.10 -4.48 5.51
N ILE C 331 13.00 -3.52 6.43
CA ILE C 331 13.30 -3.76 7.83
C ILE C 331 12.29 -4.72 8.44
N ARG C 332 11.01 -4.54 8.11
CA ARG C 332 9.97 -5.34 8.75
C ARG C 332 10.13 -6.83 8.46
N LYS C 333 10.33 -7.20 7.19
CA LYS C 333 10.26 -8.60 6.79
C LYS C 333 11.48 -9.41 7.22
N HIS C 334 12.35 -8.85 8.04
CA HIS C 334 13.48 -9.60 8.58
C HIS C 334 13.42 -9.68 10.10
N GLU D 112 -9.23 50.05 -10.62
CA GLU D 112 -9.51 48.98 -11.58
C GLU D 112 -8.88 47.67 -11.14
N LEU D 113 -9.71 46.63 -11.04
CA LEU D 113 -9.25 45.29 -10.68
C LEU D 113 -9.30 44.30 -11.83
N ILE D 114 -10.07 44.59 -12.87
CA ILE D 114 -10.32 43.66 -13.97
C ILE D 114 -9.84 44.29 -15.27
N ASN D 115 -8.92 43.61 -15.96
CA ASN D 115 -8.47 44.05 -17.28
C ASN D 115 -9.53 43.59 -18.27
N MET D 116 -10.48 44.48 -18.56
CA MET D 116 -11.75 44.07 -19.14
C MET D 116 -11.58 43.44 -20.51
N ARG D 117 -10.77 44.07 -21.37
CA ARG D 117 -10.73 43.66 -22.77
C ARG D 117 -10.00 42.33 -22.96
N ARG D 118 -8.89 42.12 -22.26
CA ARG D 118 -8.17 40.87 -22.42
C ARG D 118 -9.03 39.70 -21.94
N TYR D 119 -9.74 39.90 -20.82
CA TYR D 119 -10.74 38.94 -20.37
C TYR D 119 -11.79 38.71 -21.44
N ARG D 120 -12.23 39.78 -22.10
CA ARG D 120 -13.30 39.66 -23.09
C ARG D 120 -12.86 38.79 -24.27
N ASN D 121 -11.69 39.08 -24.84
CA ASN D 121 -11.20 38.24 -25.94
C ASN D 121 -10.95 36.80 -25.49
N ALA D 122 -10.46 36.59 -24.26
CA ALA D 122 -10.30 35.22 -23.80
C ALA D 122 -11.65 34.50 -23.76
N ALA D 123 -12.69 35.18 -23.29
CA ALA D 123 -14.01 34.57 -23.23
C ALA D 123 -14.55 34.30 -24.63
N ARG D 124 -14.37 35.25 -25.55
CA ARG D 124 -14.78 35.01 -26.94
C ARG D 124 -14.12 33.77 -27.49
N LYS D 125 -12.81 33.64 -27.33
CA LYS D 125 -12.09 32.49 -27.85
C LYS D 125 -12.58 31.20 -27.23
N LEU D 126 -12.72 31.18 -25.90
CA LEU D 126 -13.12 29.94 -25.23
C LEU D 126 -14.52 29.52 -25.62
N ILE D 127 -15.46 30.47 -25.67
CA ILE D 127 -16.84 30.12 -25.98
C ILE D 127 -17.00 29.76 -27.45
N HIS D 128 -16.23 30.40 -28.34
CA HIS D 128 -16.23 29.98 -29.73
C HIS D 128 -15.68 28.57 -29.88
N HIS D 129 -14.67 28.23 -29.08
CA HIS D 129 -14.12 26.88 -29.14
C HIS D 129 -15.12 25.85 -28.63
N TYR D 130 -15.74 26.11 -27.47
CA TYR D 130 -16.62 25.11 -26.87
C TYR D 130 -17.93 24.98 -27.64
N SER D 131 -18.54 26.10 -28.01
CA SER D 131 -19.87 26.06 -28.61
C SER D 131 -19.84 25.42 -29.99
N LEU D 132 -18.94 25.87 -30.86
CA LEU D 132 -18.93 25.42 -32.25
C LEU D 132 -17.86 24.37 -32.51
N ASN D 133 -16.59 24.69 -32.23
CA ASN D 133 -15.48 23.81 -32.56
C ASN D 133 -15.35 22.72 -31.48
N SER D 134 -16.31 21.80 -31.49
CA SER D 134 -16.32 20.72 -30.52
C SER D 134 -15.14 19.78 -30.67
N THR D 135 -14.45 19.82 -31.82
CA THR D 135 -13.28 18.98 -32.04
C THR D 135 -12.15 19.36 -31.09
N THR D 138 -7.82 25.26 -30.37
CA THR D 138 -7.09 24.02 -30.10
C THR D 138 -7.23 23.63 -28.64
N GLU D 139 -6.22 23.96 -27.84
CA GLU D 139 -6.21 23.67 -26.41
C GLU D 139 -6.18 24.97 -25.63
N TYR D 140 -6.72 24.92 -24.41
CA TYR D 140 -6.77 26.08 -23.53
C TYR D 140 -6.40 25.66 -22.12
N LYS D 141 -5.97 26.64 -21.33
CA LYS D 141 -5.60 26.43 -19.95
C LYS D 141 -6.77 26.71 -19.02
N ILE D 142 -6.60 26.32 -17.75
CA ILE D 142 -7.63 26.59 -16.75
C ILE D 142 -7.82 28.09 -16.56
N SER D 143 -6.73 28.85 -16.69
CA SER D 143 -6.79 30.29 -16.54
C SER D 143 -7.81 30.91 -17.49
N ASP D 144 -7.89 30.41 -18.71
CA ASP D 144 -8.87 30.94 -19.66
C ASP D 144 -10.29 30.64 -19.21
N VAL D 145 -10.51 29.48 -18.57
CA VAL D 145 -11.84 29.17 -18.07
C VAL D 145 -12.23 30.13 -16.95
N VAL D 146 -11.32 30.37 -16.00
CA VAL D 146 -11.58 31.34 -14.95
C VAL D 146 -11.84 32.71 -15.56
N MET D 147 -11.07 33.05 -16.59
CA MET D 147 -11.20 34.33 -17.27
C MET D 147 -12.59 34.48 -17.89
N THR D 148 -13.07 33.43 -18.56
CA THR D 148 -14.37 33.48 -19.20
C THR D 148 -15.48 33.63 -18.17
N MET D 149 -15.40 32.90 -17.07
CA MET D 149 -16.41 33.03 -16.03
C MET D 149 -16.39 34.42 -15.40
N ILE D 150 -15.19 34.98 -15.19
CA ILE D 150 -15.09 36.33 -14.65
C ILE D 150 -15.71 37.33 -15.60
N PHE D 151 -15.46 37.18 -16.90
CA PHE D 151 -16.07 38.08 -17.88
C PHE D 151 -17.58 37.96 -17.86
N LEU D 152 -18.10 36.73 -17.82
CA LEU D 152 -19.54 36.53 -17.83
C LEU D 152 -20.19 37.15 -16.60
N LEU D 153 -19.56 37.00 -15.44
CA LEU D 153 -20.11 37.61 -14.23
C LEU D 153 -20.04 39.12 -14.29
N ARG D 154 -18.91 39.68 -14.75
CA ARG D 154 -18.71 41.11 -14.66
C ARG D 154 -19.58 41.86 -15.66
N SER D 155 -19.76 41.32 -16.86
CA SER D 155 -20.62 41.95 -17.84
C SER D 155 -22.08 41.78 -17.44
N GLU D 156 -22.82 42.89 -17.41
CA GLU D 156 -24.18 42.87 -16.90
C GLU D 156 -25.09 42.03 -17.78
N LYS D 157 -24.95 42.16 -19.10
CA LYS D 157 -25.91 41.55 -20.02
C LYS D 157 -25.68 40.05 -20.18
N TYR D 158 -24.63 39.51 -19.58
CA TYR D 158 -24.32 38.08 -19.68
C TYR D 158 -24.59 37.33 -18.38
N HIS D 159 -25.38 37.92 -17.48
CA HIS D 159 -25.67 37.29 -16.20
C HIS D 159 -26.45 35.99 -16.38
N SER D 160 -27.42 35.98 -17.31
CA SER D 160 -28.20 34.78 -17.55
C SER D 160 -27.31 33.64 -18.04
N LEU D 161 -26.42 33.95 -18.99
CA LEU D 161 -25.50 32.93 -19.48
C LEU D 161 -24.57 32.46 -18.38
N PHE D 162 -24.10 33.38 -17.53
CA PHE D 162 -23.23 33.00 -16.44
C PHE D 162 -23.93 32.04 -15.49
N LYS D 163 -25.18 32.33 -15.14
CA LYS D 163 -25.94 31.43 -14.28
C LYS D 163 -26.18 30.09 -14.95
N LEU D 164 -26.49 30.10 -16.25
CA LEU D 164 -26.76 28.86 -16.97
C LEU D 164 -25.53 27.97 -16.99
N LEU D 165 -24.35 28.57 -17.17
CA LEU D 165 -23.13 27.78 -17.17
C LEU D 165 -22.71 27.38 -15.76
N GLU D 166 -23.02 28.22 -14.77
CA GLU D 166 -22.68 27.89 -13.39
C GLU D 166 -23.54 26.76 -12.87
N THR D 167 -24.72 26.55 -13.45
CA THR D 167 -25.57 25.44 -13.03
C THR D 167 -24.91 24.10 -13.28
N THR D 168 -23.85 24.07 -14.11
CA THR D 168 -23.15 22.83 -14.41
C THR D 168 -22.14 22.45 -13.34
N PHE D 169 -21.97 23.25 -12.29
CA PHE D 169 -21.00 22.92 -11.25
C PHE D 169 -21.36 21.62 -10.53
N ASP D 170 -22.64 21.42 -10.22
CA ASP D 170 -23.09 20.23 -9.53
C ASP D 170 -24.37 19.73 -10.18
N ASP D 171 -24.99 18.73 -9.55
CA ASP D 171 -26.22 18.14 -10.05
C ASP D 171 -27.45 18.52 -9.23
N TYR D 172 -27.33 19.50 -8.33
CA TYR D 172 -28.45 19.97 -7.52
C TYR D 172 -28.68 21.46 -7.75
N THR D 173 -28.54 21.92 -8.98
CA THR D 173 -28.80 23.31 -9.34
C THR D 173 -29.67 23.34 -10.58
N CYS D 174 -30.56 24.33 -10.63
CA CYS D 174 -31.52 24.42 -11.72
C CYS D 174 -31.59 25.85 -12.22
N ARG D 175 -32.46 26.06 -13.22
CA ARG D 175 -32.75 27.36 -13.78
C ARG D 175 -34.25 27.50 -13.93
N PRO D 176 -34.84 28.64 -13.58
CA PRO D 176 -36.26 28.85 -13.85
C PRO D 176 -36.53 28.82 -15.34
N GLN D 177 -37.72 28.34 -15.71
CA GLN D 177 -38.10 28.28 -17.12
C GLN D 177 -38.04 29.66 -17.74
N MET D 178 -37.28 29.77 -18.82
CA MET D 178 -37.06 31.05 -19.47
C MET D 178 -38.20 31.36 -20.42
N THR D 179 -38.75 32.56 -20.30
CA THR D 179 -39.78 32.98 -21.22
C THR D 179 -39.16 33.33 -22.58
N GLN D 180 -40.00 33.72 -23.52
CA GLN D 180 -39.52 33.95 -24.88
C GLN D 180 -38.50 35.08 -24.92
N VAL D 181 -38.87 36.25 -24.41
CA VAL D 181 -37.96 37.40 -24.50
C VAL D 181 -36.62 37.08 -23.86
N GLN D 182 -36.64 36.27 -22.80
CA GLN D 182 -35.38 35.87 -22.16
C GLN D 182 -34.52 35.04 -23.10
N THR D 183 -35.12 34.11 -23.85
CA THR D 183 -34.29 33.27 -24.71
C THR D 183 -33.76 34.06 -25.90
N ASP D 184 -34.55 34.99 -26.45
CA ASP D 184 -33.98 35.87 -27.46
C ASP D 184 -32.86 36.75 -26.91
N THR D 185 -33.00 37.25 -25.67
CA THR D 185 -31.92 38.06 -25.10
C THR D 185 -30.66 37.23 -24.93
N LEU D 186 -30.80 36.01 -24.43
CA LEU D 186 -29.64 35.13 -24.32
C LEU D 186 -29.01 34.87 -25.69
N LEU D 187 -29.85 34.67 -26.70
CA LEU D 187 -29.35 34.33 -28.03
C LEU D 187 -28.57 35.49 -28.65
N ASP D 188 -29.12 36.72 -28.61
CA ASP D 188 -28.38 37.79 -29.26
C ASP D 188 -27.19 38.23 -28.42
N ALA D 189 -27.23 38.01 -27.10
CA ALA D 189 -26.04 38.23 -26.29
C ALA D 189 -24.92 37.27 -26.71
N VAL D 190 -25.24 35.99 -26.86
CA VAL D 190 -24.22 35.02 -27.26
C VAL D 190 -23.75 35.31 -28.68
N ARG D 191 -24.65 35.77 -29.55
CA ARG D 191 -24.26 36.14 -30.90
C ARG D 191 -23.32 37.34 -30.88
N SER D 192 -23.59 38.32 -30.02
CA SER D 192 -22.66 39.43 -29.84
C SER D 192 -21.32 38.93 -29.32
N LEU D 193 -21.33 37.83 -28.56
CA LEU D 193 -20.07 37.22 -28.15
C LEU D 193 -19.28 36.72 -29.35
N LEU D 194 -19.96 36.14 -30.34
CA LEU D 194 -19.29 35.64 -31.53
C LEU D 194 -19.53 36.55 -32.72
N SER D 198 -21.74 36.91 -35.85
CA SER D 198 -22.62 37.06 -36.99
C SER D 198 -23.19 35.72 -37.44
N THR D 199 -22.53 34.64 -37.02
CA THR D 199 -22.99 33.31 -37.37
C THR D 199 -24.30 32.99 -36.68
N THR D 200 -25.23 32.38 -37.42
CA THR D 200 -26.54 32.06 -36.89
C THR D 200 -26.46 30.85 -35.96
N ILE D 201 -27.10 30.97 -34.79
CA ILE D 201 -27.13 29.90 -33.81
C ILE D 201 -28.55 29.74 -33.28
N ASP D 202 -28.74 28.81 -32.35
CA ASP D 202 -30.04 28.60 -31.73
C ASP D 202 -29.82 28.04 -30.33
N LEU D 203 -30.91 27.53 -29.72
CA LEU D 203 -30.81 26.97 -28.38
C LEU D 203 -29.99 25.68 -28.35
N THR D 204 -29.93 24.96 -29.47
CA THR D 204 -29.12 23.74 -29.52
C THR D 204 -27.64 24.06 -29.35
N THR D 205 -27.19 25.18 -29.93
CA THR D 205 -25.81 25.63 -29.71
C THR D 205 -25.57 25.93 -28.24
N VAL D 206 -26.54 26.56 -27.59
CA VAL D 206 -26.43 26.81 -26.15
C VAL D 206 -26.32 25.50 -25.39
N ASP D 207 -27.12 24.51 -25.78
CA ASP D 207 -27.09 23.22 -25.08
C ASP D 207 -25.74 22.53 -25.24
N ILE D 208 -25.18 22.52 -26.45
CA ILE D 208 -23.90 21.83 -26.65
C ILE D 208 -22.79 22.58 -25.94
N MET D 209 -22.83 23.92 -25.95
CA MET D 209 -21.81 24.67 -25.23
C MET D 209 -21.91 24.43 -23.73
N ARG D 210 -23.14 24.33 -23.22
CA ARG D 210 -23.33 24.05 -21.80
C ARG D 210 -22.79 22.68 -21.44
N SER D 211 -23.03 21.67 -22.30
CA SER D 211 -22.50 20.34 -22.02
C SER D 211 -20.97 20.35 -22.05
N SER D 212 -20.38 21.08 -22.99
CA SER D 212 -18.92 21.19 -23.04
C SER D 212 -18.38 21.85 -21.77
N PHE D 213 -19.03 22.92 -21.32
CA PHE D 213 -18.61 23.57 -20.08
C PHE D 213 -18.81 22.67 -18.87
N ALA D 214 -19.86 21.84 -18.89
CA ALA D 214 -20.06 20.89 -17.80
C ALA D 214 -18.94 19.86 -17.76
N ARG D 215 -18.51 19.38 -18.93
CA ARG D 215 -17.37 18.47 -18.98
C ARG D 215 -16.10 19.17 -18.50
N CYS D 216 -15.94 20.45 -18.86
CA CYS D 216 -14.73 21.17 -18.50
C CYS D 216 -14.64 21.43 -17.00
N PHE D 217 -15.75 21.89 -16.39
CA PHE D 217 -15.73 22.26 -14.98
C PHE D 217 -15.54 21.05 -14.06
N ASN D 218 -15.81 19.84 -14.55
CA ASN D 218 -15.58 18.64 -13.77
C ASN D 218 -14.18 18.07 -14.00
N SER D 219 -13.35 18.72 -14.80
CA SER D 219 -11.99 18.27 -14.99
C SER D 219 -11.17 18.55 -13.74
N PRO D 220 -10.46 17.55 -13.20
CA PRO D 220 -9.65 17.79 -12.01
C PRO D 220 -8.48 18.72 -12.29
N ILE D 221 -8.04 19.41 -11.26
CA ILE D 221 -6.93 20.34 -11.35
C ILE D 221 -5.69 19.71 -10.71
N MET D 222 -4.56 20.39 -10.84
CA MET D 222 -3.32 19.90 -10.24
C MET D 222 -3.44 19.84 -8.72
N ARG D 223 -2.79 18.83 -8.15
CA ARG D 223 -2.76 18.64 -6.70
C ARG D 223 -1.35 18.20 -6.31
N TYR D 224 -0.94 18.58 -5.11
CA TYR D 224 0.34 18.11 -4.59
C TYR D 224 0.28 16.65 -4.24
N ALA D 225 1.44 15.98 -4.24
CA ALA D 225 1.52 14.56 -3.94
C ALA D 225 1.16 14.31 -2.49
N LYS D 226 0.67 13.10 -2.21
CA LYS D 226 0.33 12.70 -0.85
C LYS D 226 0.89 11.31 -0.59
N ILE D 227 1.11 11.02 0.69
CA ILE D 227 1.65 9.72 1.07
C ILE D 227 0.49 8.74 1.17
N VAL D 228 0.51 7.72 0.31
CA VAL D 228 -0.59 6.76 0.21
C VAL D 228 -0.24 5.53 1.03
N LEU D 229 -1.19 5.10 1.87
CA LEU D 229 -0.98 3.97 2.75
C LEU D 229 -1.51 2.69 2.13
N LEU D 230 -0.68 1.67 2.09
CA LEU D 230 -1.05 0.36 1.55
C LEU D 230 -0.99 -0.67 2.68
N GLN D 231 -1.94 -1.60 2.68
CA GLN D 231 -1.98 -2.61 3.71
C GLN D 231 -0.78 -3.55 3.60
N ASN D 232 -0.02 -3.66 4.69
CA ASN D 232 1.21 -4.45 4.64
C ASN D 232 0.91 -5.94 4.56
N VAL D 233 0.03 -6.43 5.42
CA VAL D 233 -0.35 -7.83 5.47
C VAL D 233 -1.87 -7.89 5.50
N ALA D 234 -2.45 -8.84 4.77
CA ALA D 234 -3.91 -8.95 4.69
C ALA D 234 -4.40 -9.48 6.03
N LEU D 235 -4.45 -8.57 7.01
CA LEU D 235 -4.84 -8.93 8.37
C LEU D 235 -6.32 -9.21 8.44
N GLN D 236 -6.67 -10.36 9.01
CA GLN D 236 -8.06 -10.78 9.12
C GLN D 236 -8.68 -10.17 10.37
N ARG D 237 -10.01 -10.22 10.42
CA ARG D 237 -10.71 -9.60 11.54
C ARG D 237 -10.91 -10.60 12.66
N ASP D 238 -11.46 -10.11 13.78
CA ASP D 238 -11.53 -10.90 14.99
C ASP D 238 -12.41 -12.13 14.82
N LYS D 239 -13.56 -11.98 14.17
CA LYS D 239 -14.50 -13.09 14.07
C LYS D 239 -13.97 -14.19 13.16
N ARG D 240 -14.00 -15.42 13.66
CA ARG D 240 -13.58 -16.57 12.87
C ARG D 240 -14.53 -16.80 11.70
N THR D 241 -13.98 -17.31 10.61
CA THR D 241 -14.75 -17.59 9.41
C THR D 241 -14.62 -19.07 9.07
N THR D 242 -15.69 -19.62 8.48
CA THR D 242 -15.65 -20.99 8.02
C THR D 242 -15.05 -21.07 6.63
N LEU D 243 -14.83 -22.30 6.16
CA LEU D 243 -14.23 -22.50 4.84
C LEU D 243 -15.13 -21.96 3.74
N GLU D 244 -16.45 -22.06 3.91
CA GLU D 244 -17.38 -21.66 2.85
C GLU D 244 -17.39 -20.16 2.64
N GLU D 245 -17.51 -19.39 3.72
CA GLU D 245 -17.49 -17.93 3.59
C GLU D 245 -16.14 -17.45 3.09
N LEU D 246 -15.06 -18.07 3.55
CA LEU D 246 -13.74 -17.72 3.05
C LEU D 246 -13.65 -18.00 1.55
N LEU D 247 -14.18 -19.14 1.12
CA LEU D 247 -14.17 -19.47 -0.30
C LEU D 247 -14.94 -18.44 -1.11
N ILE D 248 -16.11 -18.03 -0.61
CA ILE D 248 -16.91 -17.03 -1.32
C ILE D 248 -16.14 -15.71 -1.44
N GLU D 249 -15.56 -15.25 -0.34
CA GLU D 249 -14.85 -13.98 -0.35
C GLU D 249 -13.62 -14.04 -1.26
N ARG D 250 -12.84 -15.12 -1.17
CA ARG D 250 -11.64 -15.24 -1.97
C ARG D 250 -11.97 -15.41 -3.44
N GLY D 251 -13.08 -16.08 -3.75
CA GLY D 251 -13.50 -16.18 -5.14
C GLY D 251 -13.93 -14.83 -5.69
N GLU D 252 -14.62 -14.03 -4.88
CA GLU D 252 -14.96 -12.68 -5.30
C GLU D 252 -13.69 -11.87 -5.55
N LYS D 253 -12.69 -12.02 -4.68
CA LYS D 253 -11.43 -11.31 -4.88
C LYS D 253 -10.72 -11.77 -6.14
N ILE D 254 -10.73 -13.08 -6.40
CA ILE D 254 -10.07 -13.63 -7.58
C ILE D 254 -10.77 -13.16 -8.84
N GLN D 255 -12.09 -13.00 -8.80
CA GLN D 255 -12.83 -12.51 -9.95
C GLN D 255 -12.29 -11.18 -10.47
N MET D 256 -11.78 -10.32 -9.59
CA MET D 256 -11.26 -9.03 -9.97
C MET D 256 -9.88 -9.10 -10.63
N LEU D 257 -9.21 -10.23 -10.56
CA LEU D 257 -7.87 -10.38 -11.13
C LEU D 257 -7.95 -10.50 -12.64
N GLN D 258 -6.80 -10.34 -13.29
CA GLN D 258 -6.72 -10.37 -14.74
C GLN D 258 -6.12 -11.70 -15.18
N PRO D 259 -6.89 -12.60 -15.78
CA PRO D 259 -6.35 -13.90 -16.16
C PRO D 259 -5.37 -13.79 -17.32
N GLN D 260 -4.46 -14.77 -17.38
CA GLN D 260 -3.46 -14.85 -18.43
C GLN D 260 -3.73 -16.08 -19.29
N GLN D 261 -3.53 -15.93 -20.60
CA GLN D 261 -3.77 -17.01 -21.56
C GLN D 261 -2.51 -17.86 -21.67
N TYR D 262 -2.69 -19.17 -21.62
CA TYR D 262 -1.61 -20.12 -21.87
C TYR D 262 -1.97 -20.94 -23.09
N ILE D 263 -1.05 -20.98 -24.07
CA ILE D 263 -1.26 -21.72 -25.31
C ILE D 263 -0.18 -22.79 -25.40
N ASN D 264 -0.59 -24.05 -25.33
CA ASN D 264 0.36 -25.14 -25.47
C ASN D 264 0.75 -25.31 -26.93
N SER D 265 1.94 -25.89 -27.14
CA SER D 265 2.42 -26.11 -28.51
C SER D 265 1.50 -27.06 -29.26
N GLY D 266 1.09 -28.16 -28.62
CA GLY D 266 0.19 -29.11 -29.22
C GLY D 266 -0.80 -29.64 -28.20
N THR D 267 -1.76 -30.42 -28.70
CA THR D 267 -2.78 -31.00 -27.85
C THR D 267 -2.35 -32.30 -27.18
N GLU D 268 -1.35 -32.98 -27.73
CA GLU D 268 -0.96 -34.29 -27.22
C GLU D 268 -0.45 -34.20 -25.79
N ILE D 269 -0.77 -35.21 -24.99
CA ILE D 269 -0.31 -35.28 -23.60
C ILE D 269 1.21 -35.45 -23.59
N PRO D 270 1.94 -34.66 -22.81
CA PRO D 270 3.38 -34.90 -22.70
C PRO D 270 3.65 -36.26 -22.09
N PHE D 271 4.75 -36.87 -22.53
CA PHE D 271 5.11 -38.22 -22.10
C PHE D 271 6.56 -38.47 -22.46
N CYS D 272 7.07 -39.61 -22.01
CA CYS D 272 8.44 -40.02 -22.35
C CYS D 272 8.48 -41.55 -22.33
N ASP D 273 8.96 -42.14 -23.43
CA ASP D 273 9.12 -43.58 -23.54
C ASP D 273 10.57 -43.99 -23.67
N ASP D 274 11.51 -43.09 -23.38
CA ASP D 274 12.92 -43.44 -23.37
C ASP D 274 13.19 -44.41 -22.23
N ALA D 275 13.42 -45.67 -22.55
CA ALA D 275 13.66 -46.67 -21.52
C ALA D 275 14.86 -46.29 -20.66
N GLU D 276 16.02 -46.06 -21.30
CA GLU D 276 17.26 -45.87 -20.56
C GLU D 276 17.10 -44.80 -19.50
N PHE D 277 16.50 -43.67 -19.85
CA PHE D 277 16.28 -42.61 -18.88
C PHE D 277 15.35 -43.07 -17.76
N LEU D 278 14.33 -43.86 -18.11
CA LEU D 278 13.36 -44.28 -17.10
C LEU D 278 13.98 -45.22 -16.07
N ASN D 279 14.65 -46.29 -16.53
CA ASN D 279 15.32 -47.16 -15.57
C ASN D 279 16.44 -46.42 -14.85
N ARG D 280 17.01 -45.39 -15.46
CA ARG D 280 18.10 -44.69 -14.79
C ARG D 280 17.56 -43.82 -13.65
N LEU D 281 16.46 -43.12 -13.88
CA LEU D 281 15.79 -42.40 -12.81
C LEU D 281 15.32 -43.36 -11.73
N LEU D 282 14.79 -44.51 -12.14
CA LEU D 282 14.33 -45.52 -11.17
C LEU D 282 15.47 -46.01 -10.30
N LYS D 283 16.63 -46.27 -10.91
CA LYS D 283 17.80 -46.70 -10.15
C LYS D 283 18.27 -45.61 -9.20
N HIS D 284 18.27 -44.36 -9.66
CA HIS D 284 18.72 -43.27 -8.80
C HIS D 284 17.79 -43.08 -7.61
N ILE D 285 16.48 -43.20 -7.81
CA ILE D 285 15.53 -43.11 -6.70
C ILE D 285 15.23 -44.47 -6.08
N ASP D 286 15.95 -45.52 -6.47
CA ASP D 286 15.73 -46.84 -5.89
C ASP D 286 16.04 -46.87 -4.39
N PRO D 287 17.18 -46.36 -3.90
CA PRO D 287 17.45 -46.45 -2.46
C PRO D 287 16.62 -45.51 -1.60
N TYR D 288 15.57 -44.91 -2.17
CA TYR D 288 14.82 -43.87 -1.49
C TYR D 288 13.51 -44.47 -0.99
N PRO D 289 13.32 -44.66 0.31
CA PRO D 289 12.11 -45.34 0.79
C PRO D 289 10.85 -44.56 0.42
N LEU D 290 9.81 -45.30 0.04
CA LEU D 290 8.54 -44.68 -0.28
C LEU D 290 7.85 -44.17 0.97
N SER D 291 8.05 -44.84 2.10
CA SER D 291 7.43 -44.40 3.34
C SER D 291 7.89 -43.00 3.71
N ARG D 292 9.21 -42.76 3.70
CA ARG D 292 9.71 -41.44 4.08
C ARG D 292 9.28 -40.38 3.09
N MET D 293 9.30 -40.70 1.79
CA MET D 293 8.92 -39.71 0.77
C MET D 293 7.45 -39.32 0.93
N TYR D 294 6.57 -40.31 1.03
CA TYR D 294 5.15 -40.01 1.18
C TYR D 294 4.87 -39.29 2.48
N TYR D 295 5.55 -39.68 3.56
CA TYR D 295 5.38 -39.00 4.84
C TYR D 295 5.79 -37.54 4.75
N ASN D 296 6.94 -37.27 4.12
CA ASN D 296 7.39 -35.89 3.98
C ASN D 296 6.41 -35.08 3.15
N ALA D 297 5.94 -35.64 2.03
CA ALA D 297 5.02 -34.92 1.17
C ALA D 297 3.70 -34.62 1.89
N ALA D 298 3.13 -35.64 2.53
CA ALA D 298 1.87 -35.45 3.23
C ALA D 298 2.02 -34.45 4.36
N ASN D 299 3.12 -34.52 5.11
CA ASN D 299 3.28 -33.64 6.25
C ASN D 299 3.53 -32.19 5.82
N THR D 300 4.26 -31.98 4.73
CA THR D 300 4.42 -30.60 4.26
C THR D 300 3.11 -30.05 3.71
N MET D 301 2.33 -30.89 3.03
CA MET D 301 1.01 -30.46 2.58
C MET D 301 0.13 -30.06 3.76
N PHE D 302 0.12 -30.91 4.79
CA PHE D 302 -0.69 -30.64 5.98
C PHE D 302 -0.23 -29.38 6.69
N TYR D 303 1.09 -29.20 6.82
CA TYR D 303 1.60 -28.02 7.52
C TYR D 303 1.25 -26.74 6.76
N THR D 304 1.39 -26.76 5.43
CA THR D 304 1.03 -25.57 4.66
C THR D 304 -0.47 -25.28 4.76
N THR D 305 -1.29 -26.33 4.71
CA THR D 305 -2.73 -26.13 4.85
C THR D 305 -3.08 -25.53 6.20
N MET D 306 -2.50 -26.06 7.27
CA MET D 306 -2.79 -25.55 8.61
C MET D 306 -2.28 -24.13 8.78
N GLU D 307 -1.10 -23.83 8.22
CA GLU D 307 -0.58 -22.46 8.29
C GLU D 307 -1.50 -21.49 7.58
N ASN D 308 -1.98 -21.86 6.40
CA ASN D 308 -2.91 -20.99 5.68
C ASN D 308 -4.20 -20.81 6.45
N TYR D 309 -4.71 -21.88 7.07
CA TYR D 309 -5.92 -21.78 7.88
C TYR D 309 -5.71 -20.85 9.07
N ALA D 310 -4.55 -20.96 9.74
CA ALA D 310 -4.28 -20.11 10.89
C ALA D 310 -4.13 -18.65 10.48
N VAL D 311 -3.41 -18.39 9.39
CA VAL D 311 -3.22 -17.02 8.94
C VAL D 311 -4.53 -16.41 8.49
N SER D 312 -5.39 -17.21 7.86
CA SER D 312 -6.66 -16.73 7.34
C SER D 312 -7.74 -16.61 8.41
N ASN D 313 -7.44 -16.97 9.65
CA ASN D 313 -8.42 -16.94 10.74
C ASN D 313 -9.64 -17.80 10.41
N CYS D 314 -9.39 -18.95 9.80
CA CYS D 314 -10.43 -19.87 9.35
C CYS D 314 -10.39 -21.13 10.20
N LYS D 315 -11.56 -21.68 10.51
CA LYS D 315 -11.63 -22.90 11.30
C LYS D 315 -11.20 -24.11 10.46
N PHE D 316 -10.31 -24.92 11.03
CA PHE D 316 -9.82 -26.12 10.37
C PHE D 316 -10.70 -27.30 10.79
N ASN D 317 -11.32 -27.94 9.81
CA ASN D 317 -12.15 -29.11 10.06
C ASN D 317 -11.25 -30.34 9.91
N ILE D 318 -10.93 -30.98 11.04
CA ILE D 318 -10.07 -32.14 11.02
C ILE D 318 -10.72 -33.29 10.27
N GLU D 319 -12.03 -33.45 10.43
CA GLU D 319 -12.74 -34.56 9.80
C GLU D 319 -12.66 -34.47 8.28
N ASP D 320 -12.79 -33.26 7.72
CA ASP D 320 -12.69 -33.11 6.27
C ASP D 320 -11.31 -33.48 5.76
N TYR D 321 -10.26 -33.03 6.46
CA TYR D 321 -8.91 -33.36 6.03
C TYR D 321 -8.66 -34.86 6.13
N ASN D 322 -9.21 -35.52 7.15
CA ASN D 322 -9.12 -36.96 7.22
C ASN D 322 -9.88 -37.63 6.08
N ASN D 323 -11.04 -37.09 5.73
CA ASN D 323 -11.84 -37.66 4.64
C ASN D 323 -11.15 -37.49 3.30
N ILE D 324 -10.25 -36.51 3.19
CA ILE D 324 -9.51 -36.31 1.94
C ILE D 324 -8.80 -37.59 1.53
N PHE D 325 -8.14 -38.26 2.47
CA PHE D 325 -7.28 -39.39 2.18
C PHE D 325 -7.90 -40.73 2.57
N LYS D 326 -9.20 -40.87 2.36
CA LYS D 326 -9.85 -42.16 2.58
C LYS D 326 -9.93 -43.01 1.31
N VAL D 327 -9.37 -42.53 0.20
CA VAL D 327 -9.35 -43.32 -1.02
C VAL D 327 -8.48 -44.56 -0.85
N MET D 328 -7.59 -44.54 0.15
CA MET D 328 -6.84 -45.73 0.53
C MET D 328 -7.77 -46.92 0.78
N GLU D 329 -8.67 -46.79 1.75
CA GLU D 329 -9.59 -47.88 2.07
C GLU D 329 -10.60 -48.10 0.96
N ASN D 330 -10.97 -47.05 0.24
CA ASN D 330 -11.87 -47.22 -0.89
C ASN D 330 -11.27 -48.15 -1.93
N ILE D 331 -9.97 -48.00 -2.19
CA ILE D 331 -9.29 -48.88 -3.13
C ILE D 331 -9.13 -50.28 -2.53
N ARG D 332 -8.71 -50.34 -1.27
CA ARG D 332 -8.37 -51.63 -0.67
C ARG D 332 -9.60 -52.52 -0.55
N LYS D 333 -10.73 -51.96 -0.11
CA LYS D 333 -11.93 -52.76 0.09
C LYS D 333 -12.55 -53.20 -1.23
N HIS D 334 -12.65 -52.28 -2.19
CA HIS D 334 -13.28 -52.58 -3.47
C HIS D 334 -12.25 -53.11 -4.47
#